data_4XK4
#
_entry.id   4XK4
#
_cell.length_a   50.892
_cell.length_b   55.672
_cell.length_c   85.242
_cell.angle_alpha   88.37
_cell.angle_beta   88.80
_cell.angle_gamma   62.37
#
_symmetry.space_group_name_H-M   'P 1'
#
loop_
_entity.id
_entity.type
_entity.pdbx_description
1 polymer 'HTH-type transcriptional regulator RutR'
2 non-polymer DIHYDROPYRIMIDINE-2,4(1H,3H)-DIONE
3 water water
#
_entity_poly.entity_id   1
_entity_poly.type   'polypeptide(L)'
_entity_poly.pdbx_seq_one_letter_code
;MTQGAVKTTGKRSRAVSAKKKAILSAALDTFSQFGFHGTRLEQIAELAGVSKTNLLYYFPSKEALYIAVLRQILDIWLAP
LKAFREDFAPLAAIKEYIRLKLEVSRDYPQASRLFCMEMLAGAPLLMDELTGDLKALIDEKSALIAGWVKSGKLAPIDPQ
HLIFMIWASTQHYADFAPQVEAVTGATLRDEVFFNQTVENVQRIIIEGIRPR
;
_entity_poly.pdbx_strand_id   A,B,C,D
#
loop_
_chem_comp.id
_chem_comp.type
_chem_comp.name
_chem_comp.formula
DUC non-polymer DIHYDROPYRIMIDINE-2,4(1H,3H)-DIONE 'C4 H6 N2 O2'
#
# COMPACT_ATOMS: atom_id res chain seq x y z
N SER A 17 7.31 -46.96 25.29
CA SER A 17 7.81 -45.55 25.35
C SER A 17 6.95 -44.63 24.45
N ALA A 18 7.01 -43.35 24.79
CA ALA A 18 6.17 -42.29 24.26
C ALA A 18 6.99 -41.38 23.34
N LYS A 19 7.06 -41.88 22.12
CA LYS A 19 7.89 -41.29 21.10
C LYS A 19 7.15 -40.12 20.47
N LYS A 20 5.85 -40.27 20.26
CA LYS A 20 5.02 -39.17 19.81
C LYS A 20 5.14 -37.99 20.76
N LYS A 21 4.99 -38.25 22.05
CA LYS A 21 5.13 -37.20 23.06
C LYS A 21 6.54 -36.58 23.05
N ALA A 22 7.57 -37.41 22.89
CA ALA A 22 8.96 -36.91 22.83
C ALA A 22 9.18 -36.00 21.63
N ILE A 23 8.59 -36.36 20.51
CA ILE A 23 8.67 -35.56 19.29
C ILE A 23 7.96 -34.23 19.49
N LEU A 24 6.74 -34.26 20.05
CA LEU A 24 5.99 -33.02 20.31
C LEU A 24 6.75 -32.07 21.20
N SER A 25 7.36 -32.63 22.24
CA SER A 25 8.08 -31.82 23.22
C SER A 25 9.35 -31.26 22.58
N ALA A 26 10.04 -32.08 21.81
CA ALA A 26 11.24 -31.62 21.08
C ALA A 26 10.89 -30.53 20.05
N ALA A 27 9.77 -30.75 19.35
CA ALA A 27 9.28 -29.78 18.38
C ALA A 27 8.99 -28.43 19.00
N LEU A 28 8.28 -28.44 20.13
CA LEU A 28 8.02 -27.22 20.87
C LEU A 28 9.29 -26.43 21.12
N ASP A 29 10.30 -27.08 21.66
CA ASP A 29 11.54 -26.39 22.00
C ASP A 29 12.28 -25.86 20.77
N THR A 30 12.27 -26.64 19.68
CA THR A 30 12.94 -26.25 18.46
C THR A 30 12.20 -25.10 17.80
N PHE A 31 10.90 -25.27 17.60
CA PHE A 31 10.07 -24.21 17.02
C PHE A 31 10.16 -22.89 17.79
N SER A 32 10.15 -22.95 19.11
CA SER A 32 10.26 -21.77 19.96
C SER A 32 11.61 -21.07 19.81
N GLN A 33 12.68 -21.84 19.61
CA GLN A 33 13.99 -21.26 19.41
C GLN A 33 14.25 -20.74 17.99
N PHE A 34 13.82 -21.48 16.95
CA PHE A 34 14.18 -21.18 15.55
C PHE A 34 13.04 -20.66 14.65
N GLY A 35 11.79 -20.71 15.14
CA GLY A 35 10.63 -20.36 14.33
C GLY A 35 10.28 -21.46 13.33
N PHE A 36 9.10 -21.36 12.72
CA PHE A 36 8.60 -22.40 11.84
C PHE A 36 9.52 -22.65 10.63
N HIS A 37 9.89 -21.56 9.96
CA HIS A 37 10.69 -21.64 8.74
C HIS A 37 12.14 -22.06 8.97
N GLY A 38 12.75 -21.55 10.03
CA GLY A 38 14.13 -21.92 10.37
C GLY A 38 14.34 -23.33 10.89
N THR A 39 13.26 -23.96 11.36
CA THR A 39 13.34 -25.28 11.99
C THR A 39 13.41 -26.37 10.92
N ARG A 40 14.31 -27.33 11.13
CA ARG A 40 14.48 -28.49 10.25
C ARG A 40 14.02 -29.77 11.02
N LEU A 41 13.32 -30.67 10.33
CA LEU A 41 12.81 -31.89 10.96
C LEU A 41 13.95 -32.76 11.51
N GLU A 42 15.11 -32.73 10.87
CA GLU A 42 16.30 -33.37 11.40
C GLU A 42 16.71 -32.89 12.81
N GLN A 43 16.57 -31.59 13.12
CA GLN A 43 16.88 -31.04 14.46
C GLN A 43 15.96 -31.63 15.54
N ILE A 44 14.67 -31.73 15.22
CA ILE A 44 13.65 -32.23 16.13
C ILE A 44 13.89 -33.73 16.38
N ALA A 45 14.00 -34.49 15.29
CA ALA A 45 14.36 -35.91 15.34
C ALA A 45 15.54 -36.21 16.26
N GLU A 46 16.67 -35.53 16.07
CA GLU A 46 17.84 -35.76 16.90
C GLU A 46 17.53 -35.46 18.38
N LEU A 47 16.85 -34.34 18.64
CA LEU A 47 16.47 -33.99 20.00
C LEU A 47 15.54 -35.03 20.66
N ALA A 48 14.69 -35.70 19.88
CA ALA A 48 13.73 -36.69 20.40
C ALA A 48 14.23 -38.14 20.39
N GLY A 49 15.47 -38.36 19.98
CA GLY A 49 16.02 -39.71 19.85
C GLY A 49 15.44 -40.60 18.76
N VAL A 50 14.97 -40.02 17.67
CA VAL A 50 14.41 -40.83 16.58
C VAL A 50 15.01 -40.41 15.25
N SER A 51 14.88 -41.26 14.23
CA SER A 51 15.28 -40.86 12.87
C SER A 51 14.20 -39.99 12.24
N LYS A 52 14.58 -39.20 11.24
CA LYS A 52 13.63 -38.38 10.47
C LYS A 52 12.48 -39.19 9.92
N THR A 53 12.76 -40.39 9.41
CA THR A 53 11.71 -41.25 8.88
C THR A 53 10.78 -41.78 9.96
N ASN A 54 11.33 -42.06 11.15
CA ASN A 54 10.53 -42.42 12.31
C ASN A 54 9.55 -41.31 12.71
N LEU A 55 10.07 -40.09 12.76
CA LEU A 55 9.25 -38.90 12.98
C LEU A 55 8.12 -38.75 11.98
N LEU A 56 8.43 -38.94 10.71
CA LEU A 56 7.43 -38.90 9.65
C LEU A 56 6.34 -39.99 9.75
N TYR A 57 6.60 -41.07 10.49
CA TYR A 57 5.56 -42.05 10.82
C TYR A 57 4.44 -41.44 11.70
N TYR A 58 4.80 -40.51 12.60
CA TYR A 58 3.83 -39.79 13.45
C TYR A 58 3.24 -38.52 12.82
N PHE A 59 4.06 -37.75 12.12
CA PHE A 59 3.64 -36.48 11.51
C PHE A 59 4.16 -36.41 10.07
N PRO A 60 3.25 -36.40 9.09
CA PRO A 60 3.68 -36.46 7.70
C PRO A 60 4.38 -35.20 7.12
N SER A 61 4.36 -34.08 7.84
CA SER A 61 5.09 -32.87 7.43
C SER A 61 5.44 -32.01 8.62
N LYS A 62 6.37 -31.08 8.42
CA LYS A 62 6.68 -30.04 9.39
C LYS A 62 5.44 -29.20 9.77
N GLU A 63 4.63 -28.88 8.78
CA GLU A 63 3.38 -28.16 9.01
C GLU A 63 2.44 -28.89 9.97
N ALA A 64 2.24 -30.19 9.71
CA ALA A 64 1.35 -30.99 10.52
C ALA A 64 1.83 -31.06 11.97
N LEU A 65 3.14 -31.19 12.15
CA LEU A 65 3.76 -31.24 13.46
C LEU A 65 3.55 -29.92 14.19
N TYR A 66 3.76 -28.82 13.48
CA TYR A 66 3.60 -27.51 14.07
C TYR A 66 2.19 -27.29 14.57
N ILE A 67 1.22 -27.62 13.73
CA ILE A 67 -0.21 -27.49 14.10
C ILE A 67 -0.54 -28.37 15.31
N ALA A 68 0.05 -29.58 15.35
CA ALA A 68 -0.11 -30.47 16.49
C ALA A 68 0.44 -29.84 17.77
N VAL A 69 1.60 -29.21 17.68
CA VAL A 69 2.18 -28.55 18.84
C VAL A 69 1.25 -27.46 19.38
N LEU A 70 0.68 -26.65 18.49
CA LEU A 70 -0.16 -25.53 18.90
C LEU A 70 -1.51 -26.00 19.40
N ARG A 71 -2.01 -27.10 18.85
CA ARG A 71 -3.20 -27.79 19.40
C ARG A 71 -2.99 -28.31 20.87
N GLN A 72 -1.81 -28.86 21.16
CA GLN A 72 -1.47 -29.22 22.54
C GLN A 72 -1.63 -28.07 23.53
N ILE A 73 -1.06 -26.93 23.19
CA ILE A 73 -1.13 -25.70 24.00
C ILE A 73 -2.54 -25.22 24.19
N LEU A 74 -3.29 -25.21 23.09
CA LEU A 74 -4.70 -24.83 23.16
C LEU A 74 -5.49 -25.70 24.14
N ASP A 75 -5.36 -27.02 24.02
CA ASP A 75 -6.04 -27.95 24.93
C ASP A 75 -5.68 -27.71 26.40
N ILE A 76 -4.40 -27.56 26.70
CA ILE A 76 -3.94 -27.24 28.03
C ILE A 76 -4.58 -25.93 28.51
N TRP A 77 -4.46 -24.88 27.71
CA TRP A 77 -5.03 -23.57 28.05
C TRP A 77 -6.54 -23.61 28.27
N LEU A 78 -7.26 -24.28 27.37
CA LEU A 78 -8.71 -24.25 27.38
C LEU A 78 -9.38 -25.24 28.31
N ALA A 79 -8.62 -26.13 28.95
CA ALA A 79 -9.25 -27.18 29.79
C ALA A 79 -10.18 -26.61 30.89
N PRO A 80 -9.70 -25.63 31.67
CA PRO A 80 -10.59 -25.06 32.70
C PRO A 80 -11.84 -24.38 32.14
N LEU A 81 -11.71 -23.69 30.99
CA LEU A 81 -12.86 -23.01 30.38
C LEU A 81 -13.88 -23.99 29.81
N LYS A 82 -13.41 -25.11 29.27
CA LYS A 82 -14.29 -26.22 28.88
C LYS A 82 -15.11 -26.76 30.04
N ALA A 83 -14.49 -26.86 31.21
CA ALA A 83 -15.12 -27.39 32.41
C ALA A 83 -16.25 -26.51 33.00
N PHE A 84 -16.28 -25.21 32.69
CA PHE A 84 -17.36 -24.31 33.16
C PHE A 84 -18.76 -24.90 32.92
N ARG A 85 -19.62 -24.86 33.95
CA ARG A 85 -21.03 -25.26 33.85
C ARG A 85 -21.94 -24.20 34.50
N GLU A 86 -23.20 -24.15 34.06
CA GLU A 86 -24.17 -23.16 34.54
C GLU A 86 -24.22 -23.09 36.08
N ASP A 87 -24.24 -24.26 36.72
CA ASP A 87 -24.37 -24.36 38.20
C ASP A 87 -23.10 -23.99 39.01
N PHE A 88 -21.95 -23.82 38.37
CA PHE A 88 -20.71 -23.39 39.06
C PHE A 88 -20.89 -22.04 39.74
N ALA A 89 -20.20 -21.83 40.86
CA ALA A 89 -20.13 -20.51 41.50
C ALA A 89 -19.20 -19.60 40.68
N PRO A 90 -19.76 -18.56 40.05
CA PRO A 90 -19.00 -17.80 39.03
C PRO A 90 -17.67 -17.19 39.47
N LEU A 91 -17.62 -16.57 40.65
CA LEU A 91 -16.38 -15.92 41.11
C LEU A 91 -15.30 -16.93 41.43
N ALA A 92 -15.68 -18.03 42.07
CA ALA A 92 -14.73 -19.08 42.40
C ALA A 92 -14.14 -19.73 41.15
N ALA A 93 -14.99 -19.96 40.15
CA ALA A 93 -14.58 -20.58 38.89
C ALA A 93 -13.60 -19.71 38.13
N ILE A 94 -13.91 -18.44 38.05
CA ILE A 94 -13.04 -17.47 37.40
C ILE A 94 -11.70 -17.26 38.15
N LYS A 95 -11.74 -17.15 39.49
CA LYS A 95 -10.52 -17.17 40.30
C LYS A 95 -9.61 -18.35 39.93
N GLU A 96 -10.20 -19.54 39.90
CA GLU A 96 -9.45 -20.77 39.66
C GLU A 96 -8.87 -20.79 38.24
N TYR A 97 -9.69 -20.40 37.26
CA TYR A 97 -9.23 -20.23 35.87
C TYR A 97 -7.99 -19.34 35.77
N ILE A 98 -8.01 -18.21 36.46
CA ILE A 98 -6.86 -17.31 36.42
C ILE A 98 -5.61 -18.00 36.96
N ARG A 99 -5.75 -18.66 38.11
CA ARG A 99 -4.63 -19.38 38.73
C ARG A 99 -4.06 -20.42 37.78
N LEU A 100 -4.94 -21.25 37.23
CA LEU A 100 -4.50 -22.31 36.33
C LEU A 100 -3.80 -21.78 35.10
N LYS A 101 -4.27 -20.64 34.57
CA LYS A 101 -3.62 -20.00 33.42
C LYS A 101 -2.24 -19.50 33.79
N LEU A 102 -2.09 -18.96 34.98
CA LEU A 102 -0.76 -18.52 35.38
C LEU A 102 0.19 -19.70 35.61
N GLU A 103 -0.33 -20.84 36.06
CA GLU A 103 0.50 -22.05 36.19
C GLU A 103 1.02 -22.50 34.84
N VAL A 104 0.17 -22.43 33.82
CA VAL A 104 0.61 -22.70 32.48
C VAL A 104 1.70 -21.71 32.03
N SER A 105 1.53 -20.42 32.32
CA SER A 105 2.57 -19.44 31.96
C SER A 105 3.90 -19.74 32.66
N ARG A 106 3.85 -20.29 33.87
CA ARG A 106 5.06 -20.69 34.61
C ARG A 106 5.69 -21.97 34.06
N ASP A 107 4.86 -22.94 33.69
CA ASP A 107 5.31 -24.27 33.34
C ASP A 107 5.52 -24.52 31.85
N TYR A 108 4.78 -23.81 30.99
CA TYR A 108 4.94 -23.99 29.56
C TYR A 108 5.12 -22.63 28.83
N PRO A 109 6.06 -21.79 29.29
CA PRO A 109 6.26 -20.46 28.69
C PRO A 109 6.66 -20.48 27.21
N GLN A 110 7.51 -21.41 26.82
CA GLN A 110 7.95 -21.46 25.44
C GLN A 110 6.77 -21.74 24.52
N ALA A 111 5.81 -22.53 24.98
CA ALA A 111 4.60 -22.81 24.20
C ALA A 111 3.70 -21.60 24.04
N SER A 112 3.61 -20.84 25.11
CA SER A 112 2.88 -19.61 25.10
C SER A 112 3.48 -18.62 24.10
N ARG A 113 4.82 -18.55 24.10
CA ARG A 113 5.57 -17.75 23.17
C ARG A 113 5.41 -18.19 21.72
N LEU A 114 5.44 -19.50 21.48
CA LEU A 114 5.21 -20.01 20.13
C LEU A 114 3.80 -19.68 19.62
N PHE A 115 2.80 -19.84 20.46
CA PHE A 115 1.44 -19.55 20.06
C PHE A 115 1.34 -18.06 19.72
N CYS A 116 1.95 -17.23 20.55
CA CYS A 116 1.97 -15.79 20.32
C CYS A 116 2.65 -15.46 18.99
N MET A 117 3.77 -16.12 18.71
CA MET A 117 4.53 -15.92 17.48
C MET A 117 3.68 -16.20 16.25
N GLU A 118 2.91 -17.28 16.32
CA GLU A 118 1.98 -17.63 15.26
C GLU A 118 0.94 -16.53 15.05
N MET A 119 0.40 -15.95 16.12
CA MET A 119 -0.55 -14.83 16.04
C MET A 119 0.09 -13.60 15.38
N LEU A 120 1.30 -13.26 15.82
CA LEU A 120 2.02 -12.11 15.28
C LEU A 120 2.22 -12.18 13.76
N ALA A 121 2.37 -13.40 13.25
CA ALA A 121 2.51 -13.60 11.82
C ALA A 121 1.15 -13.65 11.08
N GLY A 122 0.03 -13.46 11.77
CA GLY A 122 -1.30 -13.45 11.17
C GLY A 122 -2.00 -14.79 11.23
N ALA A 123 -1.50 -15.69 12.07
CA ALA A 123 -2.02 -17.08 12.16
C ALA A 123 -2.16 -17.77 10.80
N PRO A 124 -1.07 -17.82 10.01
CA PRO A 124 -1.14 -18.45 8.69
C PRO A 124 -1.46 -19.96 8.72
N LEU A 125 -0.97 -20.69 9.71
CA LEU A 125 -1.18 -22.15 9.76
C LEU A 125 -2.26 -22.55 10.78
N LEU A 126 -2.56 -21.67 11.74
CA LEU A 126 -3.54 -21.91 12.81
C LEU A 126 -4.93 -21.27 12.68
N MET A 127 -5.16 -20.47 11.64
CA MET A 127 -6.43 -19.77 11.52
C MET A 127 -7.67 -20.67 11.66
N ASP A 128 -7.64 -21.87 11.07
CA ASP A 128 -8.81 -22.77 11.07
C ASP A 128 -9.22 -23.18 12.46
N GLU A 129 -8.22 -23.45 13.30
CA GLU A 129 -8.44 -23.77 14.69
C GLU A 129 -9.16 -22.64 15.46
N LEU A 130 -8.85 -21.40 15.11
CA LEU A 130 -9.46 -20.23 15.72
C LEU A 130 -10.89 -19.95 15.26
N THR A 131 -11.12 -19.99 13.94
CA THR A 131 -12.45 -19.74 13.39
C THR A 131 -13.47 -20.85 13.66
N GLY A 132 -13.00 -22.08 13.82
CA GLY A 132 -13.87 -23.24 14.04
C GLY A 132 -14.04 -23.52 15.52
N ASP A 133 -13.18 -24.40 16.06
CA ASP A 133 -13.35 -24.95 17.41
C ASP A 133 -13.27 -23.92 18.53
N LEU A 134 -12.33 -22.98 18.42
CA LEU A 134 -12.18 -21.94 19.43
C LEU A 134 -13.42 -21.03 19.46
N LYS A 135 -13.79 -20.46 18.30
CA LYS A 135 -14.98 -19.60 18.22
C LYS A 135 -16.24 -20.26 18.79
N ALA A 136 -16.44 -21.53 18.45
CA ALA A 136 -17.61 -22.27 18.94
C ALA A 136 -17.60 -22.39 20.46
N LEU A 137 -16.42 -22.68 21.02
CA LEU A 137 -16.29 -22.80 22.47
C LEU A 137 -16.58 -21.49 23.16
N ILE A 138 -16.02 -20.40 22.64
CA ILE A 138 -16.15 -19.11 23.28
C ILE A 138 -17.59 -18.56 23.18
N ASP A 139 -18.29 -18.81 22.08
CA ASP A 139 -19.72 -18.51 22.00
C ASP A 139 -20.50 -19.23 23.11
N GLU A 140 -20.22 -20.53 23.26
CA GLU A 140 -20.91 -21.37 24.24
C GLU A 140 -20.72 -20.84 25.65
N LYS A 141 -19.46 -20.61 26.02
CA LYS A 141 -19.12 -20.18 27.37
C LYS A 141 -19.39 -18.69 27.60
N SER A 142 -19.49 -17.91 26.54
CA SER A 142 -19.91 -16.51 26.67
C SER A 142 -21.37 -16.43 27.09
N ALA A 143 -22.21 -17.25 26.47
CA ALA A 143 -23.63 -17.34 26.82
C ALA A 143 -23.81 -17.77 28.28
N LEU A 144 -22.97 -18.69 28.70
CA LEU A 144 -22.99 -19.21 30.05
C LEU A 144 -22.64 -18.09 31.04
N ILE A 145 -21.62 -17.31 30.72
CA ILE A 145 -21.24 -16.15 31.54
C ILE A 145 -22.28 -15.04 31.47
N ALA A 146 -22.88 -14.84 30.31
CA ALA A 146 -23.97 -13.86 30.17
C ALA A 146 -25.11 -14.22 31.12
N GLY A 147 -25.45 -15.52 31.20
CA GLY A 147 -26.47 -16.01 32.13
C GLY A 147 -26.18 -15.63 33.58
N TRP A 148 -24.91 -15.70 33.96
CA TRP A 148 -24.50 -15.23 35.29
C TRP A 148 -24.66 -13.71 35.46
N VAL A 149 -24.38 -12.96 34.42
CA VAL A 149 -24.67 -11.53 34.41
C VAL A 149 -26.18 -11.28 34.64
N LYS A 150 -27.03 -11.92 33.85
CA LYS A 150 -28.49 -11.70 33.99
C LYS A 150 -29.03 -12.08 35.38
N SER A 151 -28.48 -13.14 35.99
CA SER A 151 -28.84 -13.56 37.37
C SER A 151 -28.38 -12.62 38.49
N GLY A 152 -27.50 -11.66 38.18
CA GLY A 152 -26.91 -10.80 39.19
C GLY A 152 -25.76 -11.44 39.98
N LYS A 153 -25.25 -12.57 39.52
CA LYS A 153 -24.07 -13.22 40.11
C LYS A 153 -22.75 -12.57 39.69
N LEU A 154 -22.79 -11.79 38.61
CA LEU A 154 -21.68 -10.92 38.22
C LEU A 154 -22.19 -9.52 37.86
N ALA A 155 -21.32 -8.53 38.03
CA ALA A 155 -21.56 -7.18 37.50
C ALA A 155 -21.69 -7.20 35.97
N PRO A 156 -22.37 -6.20 35.39
CA PRO A 156 -22.56 -6.22 33.93
C PRO A 156 -21.26 -5.93 33.18
N ILE A 157 -20.63 -7.00 32.68
CA ILE A 157 -19.48 -6.90 31.79
C ILE A 157 -19.78 -7.72 30.55
N ASP A 158 -19.02 -7.47 29.49
CA ASP A 158 -19.13 -8.27 28.30
C ASP A 158 -18.32 -9.55 28.52
N PRO A 159 -18.94 -10.73 28.32
CA PRO A 159 -18.24 -12.00 28.47
C PRO A 159 -16.98 -12.16 27.63
N GLN A 160 -17.03 -11.78 26.35
CA GLN A 160 -15.88 -11.97 25.48
C GLN A 160 -14.71 -11.15 25.96
N HIS A 161 -14.95 -9.88 26.26
CA HIS A 161 -13.87 -9.02 26.74
C HIS A 161 -13.29 -9.50 28.08
N LEU A 162 -14.14 -10.04 28.95
CA LEU A 162 -13.66 -10.64 30.18
C LEU A 162 -12.68 -11.79 29.89
N ILE A 163 -13.11 -12.68 29.00
CA ILE A 163 -12.27 -13.81 28.59
C ILE A 163 -10.94 -13.34 28.01
N PHE A 164 -10.97 -12.36 27.12
CA PHE A 164 -9.74 -11.84 26.53
C PHE A 164 -8.83 -11.24 27.56
N MET A 165 -9.40 -10.60 28.60
CA MET A 165 -8.58 -10.04 29.65
C MET A 165 -7.89 -11.11 30.47
N ILE A 166 -8.59 -12.21 30.72
CA ILE A 166 -7.98 -13.35 31.44
C ILE A 166 -6.78 -13.87 30.61
N TRP A 167 -7.01 -14.10 29.33
CA TRP A 167 -5.97 -14.59 28.43
C TRP A 167 -4.79 -13.65 28.36
N ALA A 168 -5.06 -12.38 28.12
CA ALA A 168 -4.00 -11.41 27.95
C ALA A 168 -3.17 -11.21 29.21
N SER A 169 -3.85 -11.05 30.34
CA SER A 169 -3.16 -10.74 31.58
C SER A 169 -2.30 -11.91 32.05
N THR A 170 -2.78 -13.14 31.87
CA THR A 170 -2.06 -14.32 32.34
C THR A 170 -0.92 -14.71 31.41
N GLN A 171 -1.15 -14.61 30.10
CA GLN A 171 -0.12 -14.92 29.11
C GLN A 171 1.01 -13.88 29.08
N HIS A 172 0.72 -12.64 29.50
CA HIS A 172 1.73 -11.57 29.53
C HIS A 172 2.98 -11.96 30.30
N TYR A 173 2.80 -12.67 31.41
CA TYR A 173 3.92 -13.02 32.26
C TYR A 173 4.93 -13.99 31.60
N ALA A 174 4.46 -14.78 30.64
CA ALA A 174 5.36 -15.61 29.82
C ALA A 174 5.89 -14.82 28.62
N ASP A 175 4.96 -14.31 27.82
CA ASP A 175 5.28 -13.65 26.52
C ASP A 175 6.17 -12.38 26.69
N PHE A 176 5.94 -11.64 27.77
CA PHE A 176 6.68 -10.41 28.09
C PHE A 176 7.60 -10.55 29.29
N ALA A 177 7.99 -11.79 29.61
CA ALA A 177 8.85 -12.10 30.77
C ALA A 177 10.12 -11.25 30.84
N PRO A 178 10.79 -10.98 29.71
CA PRO A 178 11.99 -10.14 29.81
C PRO A 178 11.69 -8.74 30.35
N GLN A 179 10.53 -8.18 29.98
CA GLN A 179 10.12 -6.87 30.44
C GLN A 179 9.71 -6.93 31.90
N VAL A 180 8.93 -7.94 32.23
CA VAL A 180 8.54 -8.17 33.61
C VAL A 180 9.80 -8.27 34.49
N GLU A 181 10.77 -9.07 34.06
CA GLU A 181 12.01 -9.23 34.81
C GLU A 181 12.79 -7.92 34.91
N ALA A 182 12.88 -7.16 33.84
CA ALA A 182 13.59 -5.87 33.88
C ALA A 182 12.97 -4.88 34.88
N VAL A 183 11.64 -4.86 34.93
CA VAL A 183 10.92 -3.96 35.81
C VAL A 183 10.91 -4.46 37.27
N THR A 184 10.60 -5.76 37.48
CA THR A 184 10.39 -6.29 38.82
C THR A 184 11.61 -6.98 39.42
N GLY A 185 12.53 -7.42 38.57
CA GLY A 185 13.62 -8.29 39.01
C GLY A 185 13.29 -9.79 39.06
N ALA A 186 12.05 -10.17 38.72
CA ALA A 186 11.54 -11.53 38.98
C ALA A 186 10.98 -12.23 37.77
N THR A 187 10.72 -13.52 37.95
CA THR A 187 10.01 -14.36 36.99
C THR A 187 9.01 -15.23 37.75
N LEU A 188 8.17 -15.94 37.00
CA LEU A 188 7.19 -16.86 37.60
C LEU A 188 7.80 -18.11 38.25
N ARG A 189 9.07 -18.41 37.94
CA ARG A 189 9.83 -19.45 38.68
C ARG A 189 10.17 -19.08 40.11
N ASP A 190 10.15 -17.78 40.42
CA ASP A 190 10.20 -17.31 41.80
C ASP A 190 8.85 -17.53 42.49
N GLU A 191 8.83 -18.36 43.53
CA GLU A 191 7.54 -18.81 44.14
C GLU A 191 6.73 -17.67 44.80
N VAL A 192 7.43 -16.70 45.39
CA VAL A 192 6.79 -15.52 45.99
C VAL A 192 6.17 -14.62 44.93
N PHE A 193 6.92 -14.34 43.87
CA PHE A 193 6.44 -13.54 42.73
C PHE A 193 5.24 -14.18 42.04
N PHE A 194 5.32 -15.49 41.81
CA PHE A 194 4.20 -16.26 41.30
C PHE A 194 2.94 -16.05 42.13
N ASN A 195 3.07 -16.19 43.43
CA ASN A 195 1.93 -15.98 44.30
C ASN A 195 1.36 -14.58 44.30
N GLN A 196 2.23 -13.57 44.37
CA GLN A 196 1.81 -12.18 44.28
C GLN A 196 1.06 -11.93 42.97
N THR A 197 1.58 -12.51 41.88
CA THR A 197 1.01 -12.31 40.54
C THR A 197 -0.40 -12.88 40.52
N VAL A 198 -0.57 -14.11 41.00
CA VAL A 198 -1.89 -14.73 41.08
C VAL A 198 -2.84 -13.87 41.90
N GLU A 199 -2.39 -13.43 43.09
CA GLU A 199 -3.27 -12.65 43.98
C GLU A 199 -3.75 -11.37 43.30
N ASN A 200 -2.82 -10.64 42.68
CA ASN A 200 -3.15 -9.35 42.12
C ASN A 200 -4.01 -9.43 40.87
N VAL A 201 -3.75 -10.42 40.03
CA VAL A 201 -4.52 -10.56 38.80
C VAL A 201 -5.92 -10.96 39.18
N GLN A 202 -6.05 -11.86 40.13
CA GLN A 202 -7.35 -12.21 40.66
C GLN A 202 -8.03 -11.03 41.32
N ARG A 203 -7.30 -10.30 42.16
CA ARG A 203 -7.88 -9.15 42.83
C ARG A 203 -8.51 -8.17 41.84
N ILE A 204 -7.78 -7.80 40.79
CA ILE A 204 -8.28 -6.81 39.83
C ILE A 204 -9.47 -7.33 39.04
N ILE A 205 -9.34 -8.51 38.46
CA ILE A 205 -10.44 -9.05 37.63
C ILE A 205 -11.66 -9.41 38.47
N ILE A 206 -11.45 -10.08 39.59
CA ILE A 206 -12.56 -10.50 40.44
C ILE A 206 -13.31 -9.32 41.06
N GLU A 207 -12.59 -8.34 41.59
CA GLU A 207 -13.25 -7.16 42.15
C GLU A 207 -13.93 -6.34 41.05
N GLY A 208 -13.35 -6.34 39.85
CA GLY A 208 -13.96 -5.73 38.69
C GLY A 208 -15.27 -6.36 38.26
N ILE A 209 -15.47 -7.66 38.52
CA ILE A 209 -16.69 -8.34 38.10
C ILE A 209 -17.62 -8.74 39.26
N ARG A 210 -17.21 -8.51 40.51
CA ARG A 210 -18.04 -8.84 41.67
C ARG A 210 -19.33 -8.00 41.63
N PRO A 211 -20.50 -8.61 41.87
CA PRO A 211 -21.73 -7.81 41.85
C PRO A 211 -21.78 -6.89 43.06
N ARG A 212 -22.25 -5.65 42.85
CA ARG A 212 -22.40 -4.64 43.90
C ARG A 212 -23.89 -4.31 44.01
N SER B 17 13.51 15.47 9.18
CA SER B 17 12.46 14.70 9.91
C SER B 17 11.50 14.01 8.92
N ALA B 18 11.25 14.55 7.74
CA ALA B 18 10.40 13.83 6.75
C ALA B 18 11.17 12.62 6.22
N LYS B 19 12.50 12.70 6.04
CA LYS B 19 13.28 11.57 5.57
C LYS B 19 13.54 10.59 6.73
N LYS B 20 13.91 11.13 7.90
CA LYS B 20 14.10 10.28 9.07
C LYS B 20 12.81 9.48 9.33
N LYS B 21 11.67 10.17 9.28
CA LYS B 21 10.38 9.48 9.45
C LYS B 21 10.14 8.42 8.39
N ALA B 22 10.43 8.77 7.13
CA ALA B 22 10.23 7.83 6.01
C ALA B 22 11.09 6.56 6.16
N ILE B 23 12.31 6.73 6.65
CA ILE B 23 13.19 5.63 6.98
C ILE B 23 12.65 4.77 8.10
N LEU B 24 12.23 5.40 9.19
CA LEU B 24 11.66 4.66 10.31
C LEU B 24 10.45 3.86 9.87
N SER B 25 9.59 4.46 9.08
CA SER B 25 8.36 3.80 8.69
C SER B 25 8.67 2.67 7.72
N ALA B 26 9.62 2.89 6.83
CA ALA B 26 10.05 1.84 5.88
C ALA B 26 10.71 0.68 6.63
N ALA B 27 11.53 1.03 7.60
CA ALA B 27 12.18 0.04 8.47
C ALA B 27 11.17 -0.86 9.19
N LEU B 28 10.16 -0.23 9.79
CA LEU B 28 9.11 -0.96 10.45
C LEU B 28 8.54 -2.04 9.53
N ASP B 29 8.16 -1.66 8.31
CA ASP B 29 7.53 -2.60 7.38
C ASP B 29 8.46 -3.70 6.96
N THR B 30 9.72 -3.34 6.73
CA THR B 30 10.72 -4.30 6.27
C THR B 30 11.05 -5.29 7.39
N PHE B 31 11.36 -4.76 8.57
CA PHE B 31 11.61 -5.59 9.74
C PHE B 31 10.44 -6.55 10.05
N SER B 32 9.22 -6.06 9.96
CA SER B 32 8.05 -6.88 10.22
C SER B 32 7.92 -8.04 9.24
N GLN B 33 8.25 -7.77 7.98
CA GLN B 33 8.15 -8.78 6.93
C GLN B 33 9.31 -9.77 6.90
N PHE B 34 10.55 -9.30 7.09
CA PHE B 34 11.73 -10.14 6.92
C PHE B 34 12.49 -10.50 8.21
N GLY B 35 12.14 -9.89 9.34
CA GLY B 35 12.87 -10.09 10.60
C GLY B 35 14.19 -9.35 10.59
N PHE B 36 14.81 -9.25 11.76
CA PHE B 36 16.01 -8.43 11.91
C PHE B 36 17.13 -8.90 11.01
N HIS B 37 17.41 -10.20 11.05
CA HIS B 37 18.53 -10.79 10.33
C HIS B 37 18.34 -10.83 8.83
N GLY B 38 17.13 -11.12 8.38
CA GLY B 38 16.81 -11.17 6.95
C GLY B 38 16.73 -9.82 6.26
N THR B 39 16.56 -8.74 7.02
CA THR B 39 16.43 -7.38 6.48
C THR B 39 17.78 -6.78 6.10
N ARG B 40 17.83 -6.16 4.92
CA ARG B 40 19.03 -5.46 4.43
C ARG B 40 18.76 -3.97 4.33
N LEU B 41 19.77 -3.17 4.67
CA LEU B 41 19.60 -1.71 4.69
C LEU B 41 19.26 -1.14 3.32
N GLU B 42 19.76 -1.78 2.28
CA GLU B 42 19.42 -1.42 0.90
C GLU B 42 17.89 -1.58 0.59
N GLN B 43 17.19 -2.57 1.19
CA GLN B 43 15.70 -2.71 1.05
C GLN B 43 14.94 -1.54 1.67
N ILE B 44 15.39 -1.11 2.84
CA ILE B 44 14.75 -0.02 3.59
C ILE B 44 14.95 1.30 2.84
N ALA B 45 16.21 1.58 2.53
CA ALA B 45 16.57 2.73 1.70
C ALA B 45 15.68 2.88 0.47
N GLU B 46 15.55 1.83 -0.32
CA GLU B 46 14.76 1.91 -1.54
C GLU B 46 13.29 2.18 -1.24
N LEU B 47 12.75 1.51 -0.23
CA LEU B 47 11.37 1.75 0.21
C LEU B 47 11.12 3.20 0.75
N ALA B 48 12.14 3.82 1.35
CA ALA B 48 12.04 5.20 1.85
C ALA B 48 12.44 6.32 0.85
N GLY B 49 12.84 5.97 -0.36
CA GLY B 49 13.31 6.97 -1.31
C GLY B 49 14.62 7.66 -0.93
N VAL B 50 15.53 6.98 -0.25
CA VAL B 50 16.88 7.53 0.03
C VAL B 50 18.00 6.55 -0.33
N SER B 51 19.23 7.09 -0.41
CA SER B 51 20.38 6.22 -0.65
C SER B 51 20.82 5.58 0.65
N LYS B 52 21.49 4.43 0.56
CA LYS B 52 22.02 3.74 1.71
C LYS B 52 22.87 4.70 2.56
N THR B 53 23.70 5.54 1.91
CA THR B 53 24.61 6.44 2.66
C THR B 53 23.84 7.59 3.33
N ASN B 54 22.76 8.03 2.68
CA ASN B 54 21.87 8.99 3.32
C ASN B 54 21.21 8.37 4.57
N LEU B 55 20.73 7.12 4.46
CA LEU B 55 20.17 6.39 5.60
C LEU B 55 21.16 6.29 6.75
N LEU B 56 22.42 5.98 6.44
CA LEU B 56 23.49 5.90 7.43
C LEU B 56 23.84 7.22 8.10
N TYR B 57 23.49 8.36 7.50
CA TYR B 57 23.61 9.63 8.24
C TYR B 57 22.65 9.71 9.44
N TYR B 58 21.46 9.11 9.32
CA TYR B 58 20.46 9.10 10.39
C TYR B 58 20.71 7.97 11.38
N PHE B 59 21.09 6.79 10.88
CA PHE B 59 21.27 5.58 11.69
C PHE B 59 22.54 4.85 11.29
N PRO B 60 23.55 4.84 12.17
CA PRO B 60 24.85 4.28 11.79
C PRO B 60 24.91 2.74 11.57
N SER B 61 23.87 2.00 11.98
CA SER B 61 23.81 0.56 11.76
C SER B 61 22.38 0.07 11.73
N LYS B 62 22.20 -1.14 11.21
CA LYS B 62 20.90 -1.80 11.21
C LYS B 62 20.34 -1.99 12.63
N GLU B 63 21.23 -2.32 13.55
CA GLU B 63 20.87 -2.46 14.96
C GLU B 63 20.30 -1.15 15.54
N ALA B 64 20.99 -0.04 15.30
CA ALA B 64 20.58 1.25 15.79
C ALA B 64 19.21 1.64 15.22
N LEU B 65 18.98 1.34 13.96
CA LEU B 65 17.69 1.60 13.33
C LEU B 65 16.58 0.76 13.93
N TYR B 66 16.86 -0.52 14.15
CA TYR B 66 15.89 -1.42 14.76
C TYR B 66 15.46 -0.91 16.14
N ILE B 67 16.44 -0.55 16.95
CA ILE B 67 16.19 -0.02 18.29
C ILE B 67 15.35 1.28 18.21
N ALA B 68 15.66 2.13 17.23
CA ALA B 68 14.92 3.38 17.04
C ALA B 68 13.47 3.11 16.69
N VAL B 69 13.23 2.11 15.82
CA VAL B 69 11.85 1.70 15.50
C VAL B 69 11.05 1.34 16.74
N LEU B 70 11.70 0.57 17.61
CA LEU B 70 11.06 0.12 18.83
C LEU B 70 10.95 1.25 19.85
N ARG B 71 11.90 2.18 19.83
CA ARG B 71 11.82 3.38 20.65
C ARG B 71 10.62 4.28 20.27
N GLN B 72 10.31 4.39 18.97
CA GLN B 72 9.12 5.12 18.50
C GLN B 72 7.86 4.61 19.17
N ILE B 73 7.65 3.28 19.15
CA ILE B 73 6.46 2.69 19.77
C ILE B 73 6.47 2.81 21.31
N LEU B 74 7.63 2.67 21.93
CA LEU B 74 7.73 2.94 23.37
C LEU B 74 7.26 4.38 23.73
N ASP B 75 7.79 5.37 23.04
CA ASP B 75 7.46 6.78 23.33
C ASP B 75 5.98 7.03 23.18
N ILE B 76 5.41 6.53 22.09
CA ILE B 76 3.98 6.65 21.88
C ILE B 76 3.21 5.99 23.04
N TRP B 77 3.53 4.74 23.34
CA TRP B 77 2.89 4.00 24.41
C TRP B 77 2.99 4.69 25.78
N LEU B 78 4.18 5.17 26.11
CA LEU B 78 4.45 5.68 27.44
C LEU B 78 4.06 7.13 27.66
N ALA B 79 3.63 7.86 26.62
CA ALA B 79 3.33 9.29 26.79
C ALA B 79 2.31 9.60 27.91
N PRO B 80 1.16 8.89 27.92
CA PRO B 80 0.21 9.15 28.99
C PRO B 80 0.73 8.81 30.40
N LEU B 81 1.51 7.75 30.52
CA LEU B 81 2.06 7.36 31.81
C LEU B 81 3.10 8.36 32.30
N LYS B 82 3.88 8.92 31.39
CA LYS B 82 4.82 10.00 31.72
C LYS B 82 4.09 11.21 32.30
N ALA B 83 2.91 11.51 31.76
CA ALA B 83 2.11 12.64 32.17
C ALA B 83 1.50 12.56 33.58
N PHE B 84 1.36 11.35 34.13
CA PHE B 84 0.83 11.17 35.50
C PHE B 84 1.52 12.08 36.50
N ARG B 85 0.73 12.76 37.34
CA ARG B 85 1.24 13.55 38.48
C ARG B 85 0.48 13.20 39.77
N GLU B 86 1.12 13.45 40.92
CA GLU B 86 0.51 13.17 42.24
C GLU B 86 -0.92 13.72 42.38
N ASP B 87 -1.10 14.97 41.95
CA ASP B 87 -2.40 15.66 42.11
C ASP B 87 -3.52 15.22 41.15
N PHE B 88 -3.23 14.41 40.14
CA PHE B 88 -4.26 13.87 39.21
C PHE B 88 -5.30 13.04 39.94
N ALA B 89 -6.53 13.07 39.46
CA ALA B 89 -7.58 12.18 39.96
C ALA B 89 -7.30 10.76 39.45
N PRO B 90 -6.95 9.82 40.35
CA PRO B 90 -6.44 8.51 39.90
C PRO B 90 -7.33 7.71 38.96
N LEU B 91 -8.63 7.62 39.23
CA LEU B 91 -9.51 6.79 38.40
C LEU B 91 -9.70 7.40 37.00
N ALA B 92 -9.84 8.73 36.94
CA ALA B 92 -9.96 9.41 35.68
C ALA B 92 -8.71 9.27 34.82
N ALA B 93 -7.54 9.36 35.44
CA ALA B 93 -6.25 9.24 34.75
C ALA B 93 -6.06 7.85 34.18
N ILE B 94 -6.37 6.84 34.98
CA ILE B 94 -6.26 5.46 34.53
C ILE B 94 -7.26 5.12 33.42
N LYS B 95 -8.52 5.57 33.57
CA LYS B 95 -9.51 5.45 32.48
C LYS B 95 -8.97 5.98 31.17
N GLU B 96 -8.39 7.19 31.22
CA GLU B 96 -7.89 7.86 30.04
C GLU B 96 -6.70 7.09 29.45
N TYR B 97 -5.76 6.67 30.30
CA TYR B 97 -4.62 5.82 29.88
C TYR B 97 -5.09 4.58 29.11
N ILE B 98 -6.12 3.91 29.59
CA ILE B 98 -6.63 2.73 28.93
C ILE B 98 -7.12 3.09 27.54
N ARG B 99 -7.90 4.15 27.45
CA ARG B 99 -8.43 4.61 26.15
C ARG B 99 -7.31 4.90 25.17
N LEU B 100 -6.33 5.68 25.62
CA LEU B 100 -5.23 6.08 24.76
C LEU B 100 -4.42 4.87 24.29
N LYS B 101 -4.24 3.89 25.16
CA LYS B 101 -3.54 2.66 24.77
C LYS B 101 -4.30 1.87 23.72
N LEU B 102 -5.62 1.83 23.84
CA LEU B 102 -6.40 1.17 22.83
C LEU B 102 -6.37 1.92 21.49
N GLU B 103 -6.26 3.25 21.53
CA GLU B 103 -6.11 4.00 20.29
C GLU B 103 -4.81 3.62 19.60
N VAL B 104 -3.75 3.42 20.37
CA VAL B 104 -2.49 3.00 19.81
C VAL B 104 -2.59 1.60 19.19
N SER B 105 -3.28 0.69 19.87
CA SER B 105 -3.52 -0.62 19.29
C SER B 105 -4.29 -0.55 17.98
N ARG B 106 -5.22 0.40 17.86
CA ARG B 106 -5.96 0.59 16.62
C ARG B 106 -5.07 1.19 15.53
N ASP B 107 -4.20 2.15 15.90
CA ASP B 107 -3.51 3.00 14.94
C ASP B 107 -2.08 2.60 14.62
N TYR B 108 -1.41 1.91 15.54
CA TYR B 108 -0.07 1.43 15.28
C TYR B 108 0.11 -0.08 15.59
N PRO B 109 -0.82 -0.93 15.10
CA PRO B 109 -0.76 -2.36 15.41
C PRO B 109 0.52 -3.08 14.96
N GLN B 110 1.04 -2.77 13.78
CA GLN B 110 2.23 -3.43 13.29
C GLN B 110 3.49 -3.18 14.17
N ALA B 111 3.58 -1.95 14.69
CA ALA B 111 4.61 -1.62 15.67
C ALA B 111 4.48 -2.39 17.01
N SER B 112 3.23 -2.55 17.46
CA SER B 112 2.92 -3.30 18.67
C SER B 112 3.41 -4.76 18.47
N ARG B 113 3.14 -5.29 17.28
CA ARG B 113 3.52 -6.67 16.91
C ARG B 113 5.02 -6.86 16.84
N LEU B 114 5.74 -5.88 16.26
CA LEU B 114 7.21 -5.97 16.24
C LEU B 114 7.82 -5.88 17.62
N PHE B 115 7.27 -5.02 18.46
CA PHE B 115 7.75 -4.94 19.86
C PHE B 115 7.53 -6.26 20.58
N CYS B 116 6.35 -6.83 20.39
CA CYS B 116 6.03 -8.13 20.97
C CYS B 116 7.00 -9.21 20.51
N MET B 117 7.31 -9.21 19.22
CA MET B 117 8.25 -10.17 18.62
C MET B 117 9.63 -10.11 19.24
N GLU B 118 10.11 -8.90 19.45
CA GLU B 118 11.38 -8.68 20.15
C GLU B 118 11.37 -9.24 21.59
N MET B 119 10.27 -9.08 22.32
CA MET B 119 10.12 -9.68 23.66
C MET B 119 10.14 -11.21 23.62
N LEU B 120 9.38 -11.77 22.69
CA LEU B 120 9.32 -13.23 22.51
C LEU B 120 10.70 -13.86 22.30
N ALA B 121 11.59 -13.13 21.63
CA ALA B 121 12.96 -13.61 21.40
C ALA B 121 13.91 -13.37 22.58
N GLY B 122 13.41 -12.81 23.68
CA GLY B 122 14.21 -12.55 24.87
C GLY B 122 14.77 -11.14 24.94
N ALA B 123 14.24 -10.25 24.11
CA ALA B 123 14.75 -8.88 23.99
C ALA B 123 16.28 -8.80 23.79
N PRO B 124 16.82 -9.48 22.77
CA PRO B 124 18.27 -9.47 22.56
C PRO B 124 18.86 -8.10 22.25
N LEU B 125 18.12 -7.24 21.52
CA LEU B 125 18.62 -5.89 21.21
C LEU B 125 18.02 -4.77 22.05
N LEU B 126 16.83 -5.00 22.61
CA LEU B 126 16.10 -3.98 23.34
C LEU B 126 16.28 -4.03 24.85
N MET B 127 17.01 -5.02 25.38
CA MET B 127 17.14 -5.18 26.82
C MET B 127 17.58 -3.92 27.55
N ASP B 128 18.53 -3.18 26.98
CA ASP B 128 19.06 -1.96 27.63
C ASP B 128 18.00 -0.89 27.84
N GLU B 129 17.13 -0.74 26.85
CA GLU B 129 16.00 0.18 26.95
C GLU B 129 15.06 -0.18 28.10
N LEU B 130 14.90 -1.48 28.34
CA LEU B 130 14.04 -1.98 29.40
C LEU B 130 14.65 -1.82 30.80
N THR B 131 15.90 -2.22 30.96
CA THR B 131 16.60 -2.14 32.26
C THR B 131 16.93 -0.72 32.70
N GLY B 132 17.10 0.20 31.75
CA GLY B 132 17.43 1.59 32.05
C GLY B 132 16.21 2.48 32.12
N ASP B 133 15.86 3.09 31.00
CA ASP B 133 14.82 4.14 30.96
C ASP B 133 13.42 3.66 31.36
N LEU B 134 13.03 2.48 30.90
CA LEU B 134 11.72 1.94 31.25
C LEU B 134 11.61 1.67 32.75
N LYS B 135 12.55 0.90 33.28
CA LYS B 135 12.56 0.57 34.71
C LYS B 135 12.48 1.81 35.59
N ALA B 136 13.27 2.83 35.23
CA ALA B 136 13.31 4.07 35.99
C ALA B 136 11.95 4.77 35.97
N LEU B 137 11.31 4.79 34.81
CA LEU B 137 9.97 5.37 34.70
C LEU B 137 8.95 4.61 35.55
N ILE B 138 8.96 3.28 35.46
CA ILE B 138 7.95 2.48 36.13
C ILE B 138 8.11 2.52 37.66
N ASP B 139 9.35 2.59 38.15
CA ASP B 139 9.59 2.81 39.57
C ASP B 139 8.96 4.13 40.01
N GLU B 140 9.21 5.19 39.24
CA GLU B 140 8.73 6.52 39.55
C GLU B 140 7.21 6.56 39.63
N LYS B 141 6.55 6.03 38.60
CA LYS B 141 5.09 6.04 38.53
C LYS B 141 4.40 4.95 39.36
N SER B 142 5.14 3.90 39.75
CA SER B 142 4.63 2.94 40.71
C SER B 142 4.52 3.55 42.10
N ALA B 143 5.54 4.32 42.50
CA ALA B 143 5.54 5.06 43.78
C ALA B 143 4.40 6.06 43.85
N LEU B 144 4.16 6.71 42.72
CA LEU B 144 3.07 7.64 42.58
C LEU B 144 1.70 6.94 42.76
N ILE B 145 1.53 5.78 42.12
CA ILE B 145 0.31 4.97 42.28
C ILE B 145 0.20 4.35 43.69
N ALA B 146 1.33 3.94 44.26
CA ALA B 146 1.36 3.46 45.64
C ALA B 146 0.86 4.52 46.59
N GLY B 147 1.29 5.78 46.39
CA GLY B 147 0.80 6.92 47.16
C GLY B 147 -0.72 7.04 47.11
N TRP B 148 -1.31 6.80 45.95
CA TRP B 148 -2.77 6.79 45.83
C TRP B 148 -3.42 5.63 46.60
N VAL B 149 -2.76 4.48 46.60
CA VAL B 149 -3.19 3.35 47.44
C VAL B 149 -3.17 3.74 48.92
N LYS B 150 -2.06 4.29 49.41
CA LYS B 150 -1.95 4.66 50.83
C LYS B 150 -2.98 5.75 51.26
N SER B 151 -3.30 6.70 50.37
CA SER B 151 -4.35 7.71 50.59
C SER B 151 -5.79 7.17 50.62
N GLY B 152 -6.02 5.93 50.17
CA GLY B 152 -7.37 5.39 50.01
C GLY B 152 -8.10 5.82 48.75
N LYS B 153 -7.39 6.45 47.81
CA LYS B 153 -7.96 6.83 46.51
C LYS B 153 -8.07 5.65 45.55
N LEU B 154 -7.34 4.57 45.84
CA LEU B 154 -7.49 3.28 45.14
C LEU B 154 -7.55 2.15 46.15
N ALA B 155 -8.23 1.07 45.78
CA ALA B 155 -8.19 -0.18 46.52
C ALA B 155 -6.74 -0.72 46.56
N PRO B 156 -6.43 -1.56 47.55
CA PRO B 156 -5.04 -2.04 47.65
C PRO B 156 -4.71 -3.04 46.55
N ILE B 157 -4.01 -2.56 45.53
CA ILE B 157 -3.44 -3.41 44.49
C ILE B 157 -1.96 -3.11 44.39
N ASP B 158 -1.22 -4.01 43.76
CA ASP B 158 0.17 -3.74 43.46
C ASP B 158 0.25 -2.86 42.20
N PRO B 159 0.94 -1.70 42.29
CA PRO B 159 1.10 -0.83 41.13
C PRO B 159 1.69 -1.48 39.88
N GLN B 160 2.74 -2.28 40.02
CA GLN B 160 3.40 -2.88 38.86
C GLN B 160 2.45 -3.81 38.14
N HIS B 161 1.76 -4.67 38.90
CA HIS B 161 0.82 -5.59 38.29
C HIS B 161 -0.36 -4.88 37.64
N LEU B 162 -0.81 -3.78 38.23
CA LEU B 162 -1.83 -2.95 37.59
C LEU B 162 -1.36 -2.46 36.22
N ILE B 163 -0.14 -1.90 36.21
CA ILE B 163 0.46 -1.37 34.98
C ILE B 163 0.57 -2.48 33.91
N PHE B 164 1.06 -3.66 34.29
CA PHE B 164 1.17 -4.76 33.37
C PHE B 164 -0.18 -5.20 32.84
N MET B 165 -1.22 -5.13 33.66
CA MET B 165 -2.55 -5.47 33.18
C MET B 165 -3.09 -4.50 32.14
N ILE B 166 -2.81 -3.21 32.35
CA ILE B 166 -3.20 -2.21 31.38
C ILE B 166 -2.48 -2.52 30.03
N TRP B 167 -1.17 -2.71 30.10
CA TRP B 167 -0.38 -3.04 28.93
C TRP B 167 -0.90 -4.28 28.23
N ALA B 168 -1.08 -5.36 28.98
CA ALA B 168 -1.44 -6.64 28.37
C ALA B 168 -2.83 -6.62 27.77
N SER B 169 -3.79 -6.07 28.49
CA SER B 169 -5.18 -6.06 28.04
C SER B 169 -5.39 -5.17 26.80
N THR B 170 -4.70 -4.04 26.74
CA THR B 170 -4.83 -3.13 25.61
C THR B 170 -4.03 -3.56 24.37
N GLN B 171 -2.81 -4.05 24.57
CA GLN B 171 -1.98 -4.57 23.49
C GLN B 171 -2.51 -5.88 22.86
N HIS B 172 -3.29 -6.64 23.61
CA HIS B 172 -3.91 -7.87 23.09
C HIS B 172 -4.67 -7.63 21.79
N TYR B 173 -5.38 -6.52 21.72
CA TYR B 173 -6.29 -6.29 20.58
C TYR B 173 -5.54 -6.03 19.26
N ALA B 174 -4.27 -5.63 19.35
CA ALA B 174 -3.37 -5.60 18.20
C ALA B 174 -2.65 -6.93 17.98
N ASP B 175 -1.92 -7.37 19.02
CA ASP B 175 -1.04 -8.56 18.92
C ASP B 175 -1.83 -9.84 18.61
N PHE B 176 -3.05 -9.94 19.15
CA PHE B 176 -3.93 -11.10 18.94
C PHE B 176 -5.16 -10.79 18.08
N ALA B 177 -5.07 -9.72 17.28
CA ALA B 177 -6.17 -9.31 16.36
C ALA B 177 -6.78 -10.41 15.52
N PRO B 178 -5.95 -11.33 14.95
CA PRO B 178 -6.57 -12.41 14.15
C PRO B 178 -7.50 -13.30 14.97
N GLN B 179 -7.14 -13.55 16.23
CA GLN B 179 -7.96 -14.35 17.15
C GLN B 179 -9.20 -13.58 17.56
N VAL B 180 -9.01 -12.31 17.90
CA VAL B 180 -10.13 -11.44 18.23
C VAL B 180 -11.14 -11.42 17.06
N GLU B 181 -10.64 -11.22 15.85
CA GLU B 181 -11.49 -11.22 14.68
C GLU B 181 -12.18 -12.56 14.44
N ALA B 182 -11.46 -13.67 14.62
CA ALA B 182 -12.06 -15.01 14.44
C ALA B 182 -13.22 -15.24 15.41
N VAL B 183 -13.03 -14.82 16.67
CA VAL B 183 -14.04 -15.02 17.70
C VAL B 183 -15.20 -14.01 17.59
N THR B 184 -14.89 -12.72 17.44
CA THR B 184 -15.91 -11.67 17.49
C THR B 184 -16.45 -11.25 16.12
N GLY B 185 -15.68 -11.49 15.05
CA GLY B 185 -15.99 -10.96 13.72
C GLY B 185 -15.49 -9.56 13.47
N ALA B 186 -14.84 -8.95 14.47
CA ALA B 186 -14.53 -7.51 14.44
C ALA B 186 -13.06 -7.18 14.62
N THR B 187 -12.76 -5.91 14.36
CA THR B 187 -11.45 -5.33 14.62
C THR B 187 -11.65 -3.94 15.23
N LEU B 188 -10.56 -3.34 15.67
CA LEU B 188 -10.60 -2.02 16.27
C LEU B 188 -10.90 -0.92 15.26
N ARG B 189 -10.79 -1.20 13.97
CA ARG B 189 -11.26 -0.26 12.93
C ARG B 189 -12.79 -0.12 12.86
N ASP B 190 -13.52 -1.12 13.38
CA ASP B 190 -14.97 -1.04 13.54
C ASP B 190 -15.26 -0.14 14.77
N GLU B 191 -15.94 0.98 14.54
CA GLU B 191 -16.09 2.04 15.57
C GLU B 191 -16.88 1.59 16.79
N VAL B 192 -17.90 0.77 16.57
CA VAL B 192 -18.73 0.23 17.64
C VAL B 192 -17.92 -0.75 18.50
N PHE B 193 -17.17 -1.63 17.86
CA PHE B 193 -16.33 -2.60 18.58
C PHE B 193 -15.25 -1.90 19.40
N PHE B 194 -14.60 -0.90 18.78
CA PHE B 194 -13.61 -0.08 19.46
C PHE B 194 -14.20 0.50 20.75
N ASN B 195 -15.38 1.11 20.64
CA ASN B 195 -16.10 1.72 21.78
C ASN B 195 -16.47 0.70 22.89
N GLN B 196 -17.02 -0.45 22.50
CA GLN B 196 -17.30 -1.55 23.43
C GLN B 196 -16.03 -2.03 24.15
N THR B 197 -14.93 -2.17 23.39
CA THR B 197 -13.67 -2.63 23.92
C THR B 197 -13.18 -1.67 24.98
N VAL B 198 -13.17 -0.38 24.67
CA VAL B 198 -12.74 0.65 25.63
C VAL B 198 -13.60 0.57 26.88
N GLU B 199 -14.91 0.50 26.69
CA GLU B 199 -15.80 0.50 27.85
C GLU B 199 -15.53 -0.67 28.77
N ASN B 200 -15.41 -1.86 28.20
CA ASN B 200 -15.29 -3.08 29.01
C ASN B 200 -13.96 -3.23 29.70
N VAL B 201 -12.89 -2.84 29.02
CA VAL B 201 -11.57 -2.89 29.63
C VAL B 201 -11.52 -1.90 30.78
N GLN B 202 -12.08 -0.71 30.57
CA GLN B 202 -12.17 0.27 31.63
C GLN B 202 -13.06 -0.21 32.76
N ARG B 203 -14.22 -0.76 32.44
CA ARG B 203 -15.12 -1.26 33.45
C ARG B 203 -14.40 -2.26 34.39
N ILE B 204 -13.72 -3.25 33.82
CA ILE B 204 -13.11 -4.30 34.64
C ILE B 204 -11.97 -3.75 35.48
N ILE B 205 -11.04 -3.04 34.86
CA ILE B 205 -9.89 -2.53 35.60
C ILE B 205 -10.30 -1.46 36.64
N ILE B 206 -11.18 -0.54 36.23
CA ILE B 206 -11.56 0.60 37.09
C ILE B 206 -12.37 0.12 38.27
N GLU B 207 -13.34 -0.75 38.04
CA GLU B 207 -14.10 -1.30 39.14
C GLU B 207 -13.23 -2.18 40.04
N GLY B 208 -12.24 -2.87 39.46
CA GLY B 208 -11.30 -3.63 40.21
C GLY B 208 -10.43 -2.80 41.14
N ILE B 209 -10.18 -1.54 40.80
CA ILE B 209 -9.31 -0.69 41.62
C ILE B 209 -10.04 0.41 42.37
N ARG B 210 -11.34 0.56 42.15
CA ARG B 210 -12.13 1.61 42.83
C ARG B 210 -12.10 1.34 44.33
N PRO B 211 -11.84 2.36 45.15
CA PRO B 211 -11.92 2.13 46.60
C PRO B 211 -13.34 1.85 47.05
N ARG B 212 -13.50 0.90 47.95
CA ARG B 212 -14.80 0.59 48.54
C ARG B 212 -14.77 1.02 50.00
N ARG C 14 -4.66 -12.83 8.78
CA ARG C 14 -3.97 -12.32 7.54
C ARG C 14 -4.24 -10.82 7.31
N ALA C 15 -3.43 -9.98 7.97
CA ALA C 15 -3.55 -8.51 7.88
C ALA C 15 -2.29 -7.88 8.49
N VAL C 16 -1.17 -8.17 7.84
CA VAL C 16 0.17 -8.01 8.40
C VAL C 16 1.14 -7.76 7.20
N SER C 17 2.42 -7.56 7.46
CA SER C 17 3.48 -7.45 6.42
C SER C 17 3.68 -5.99 5.80
N ALA C 18 3.26 -5.73 4.54
CA ALA C 18 3.66 -4.56 3.75
C ALA C 18 2.47 -3.59 3.65
N LYS C 19 2.44 -2.75 4.65
CA LYS C 19 1.36 -1.84 4.87
C LYS C 19 1.52 -0.60 3.99
N LYS C 20 2.74 -0.09 3.89
CA LYS C 20 3.04 1.00 2.97
C LYS C 20 2.65 0.63 1.53
N LYS C 21 3.07 -0.55 1.10
CA LYS C 21 2.70 -1.06 -0.21
C LYS C 21 1.18 -1.25 -0.38
N ALA C 22 0.50 -1.74 0.65
CA ALA C 22 -0.96 -1.89 0.62
C ALA C 22 -1.67 -0.54 0.47
N ILE C 23 -1.15 0.47 1.16
CA ILE C 23 -1.71 1.82 1.10
C ILE C 23 -1.52 2.41 -0.30
N LEU C 24 -0.32 2.30 -0.84
CA LEU C 24 -0.04 2.79 -2.18
C LEU C 24 -0.93 2.16 -3.22
N SER C 25 -1.09 0.84 -3.12
CA SER C 25 -1.92 0.10 -4.07
C SER C 25 -3.40 0.51 -3.91
N ALA C 26 -3.86 0.63 -2.67
CA ALA C 26 -5.22 1.08 -2.38
C ALA C 26 -5.47 2.51 -2.89
N ALA C 27 -4.48 3.37 -2.67
CA ALA C 27 -4.53 4.74 -3.13
C ALA C 27 -4.66 4.85 -4.65
N LEU C 28 -3.83 4.10 -5.37
CA LEU C 28 -3.92 4.06 -6.82
C LEU C 28 -5.34 3.74 -7.28
N ASP C 29 -5.92 2.68 -6.74
CA ASP C 29 -7.29 2.27 -7.12
C ASP C 29 -8.36 3.31 -6.77
N THR C 30 -8.24 3.93 -5.61
CA THR C 30 -9.19 4.93 -5.15
C THR C 30 -9.06 6.18 -6.00
N PHE C 31 -7.83 6.68 -6.14
CA PHE C 31 -7.57 7.86 -6.95
C PHE C 31 -8.04 7.69 -8.40
N SER C 32 -7.81 6.51 -8.99
CA SER C 32 -8.28 6.23 -10.37
C SER C 32 -9.77 6.25 -10.48
N GLN C 33 -10.45 5.76 -9.46
CA GLN C 33 -11.90 5.73 -9.47
C GLN C 33 -12.56 7.08 -9.16
N PHE C 34 -12.05 7.82 -8.18
CA PHE C 34 -12.71 9.04 -7.70
C PHE C 34 -12.01 10.38 -8.03
N GLY C 35 -10.78 10.32 -8.54
CA GLY C 35 -9.95 11.52 -8.74
C GLY C 35 -9.35 12.04 -7.44
N PHE C 36 -8.39 12.96 -7.55
CA PHE C 36 -7.68 13.49 -6.37
C PHE C 36 -8.62 14.12 -5.37
N HIS C 37 -9.47 15.01 -5.86
CA HIS C 37 -10.36 15.81 -5.01
C HIS C 37 -11.48 15.00 -4.39
N GLY C 38 -12.05 14.07 -5.15
CA GLY C 38 -13.15 13.22 -4.66
C GLY C 38 -12.73 12.12 -3.71
N THR C 39 -11.44 11.80 -3.69
CA THR C 39 -10.92 10.76 -2.80
C THR C 39 -10.76 11.24 -1.35
N ARG C 40 -11.17 10.42 -0.40
CA ARG C 40 -10.97 10.68 1.03
C ARG C 40 -9.98 9.67 1.60
N LEU C 41 -9.12 10.13 2.53
CA LEU C 41 -8.13 9.24 3.14
C LEU C 41 -8.77 8.06 3.86
N GLU C 42 -9.94 8.29 4.44
CA GLU C 42 -10.72 7.21 5.08
C GLU C 42 -11.05 6.05 4.11
N GLN C 43 -11.34 6.36 2.84
CA GLN C 43 -11.62 5.32 1.80
C GLN C 43 -10.40 4.41 1.53
N ILE C 44 -9.23 5.04 1.44
CA ILE C 44 -7.97 4.36 1.15
C ILE C 44 -7.58 3.49 2.35
N ALA C 45 -7.58 4.09 3.52
CA ALA C 45 -7.39 3.38 4.78
C ALA C 45 -8.22 2.10 4.89
N GLU C 46 -9.53 2.20 4.71
CA GLU C 46 -10.40 1.03 4.81
C GLU C 46 -10.03 -0.03 3.78
N LEU C 47 -9.76 0.40 2.54
CA LEU C 47 -9.34 -0.53 1.48
C LEU C 47 -8.00 -1.25 1.81
N ALA C 48 -7.08 -0.57 2.52
CA ALA C 48 -5.77 -1.13 2.86
C ALA C 48 -5.71 -1.85 4.23
N GLY C 49 -6.83 -1.93 4.95
CA GLY C 49 -6.87 -2.53 6.26
C GLY C 49 -6.17 -1.77 7.38
N VAL C 50 -6.08 -0.46 7.29
CA VAL C 50 -5.41 0.34 8.32
C VAL C 50 -6.29 1.52 8.77
N SER C 51 -5.99 2.09 9.94
CA SER C 51 -6.71 3.28 10.41
C SER C 51 -6.13 4.50 9.71
N LYS C 52 -6.93 5.56 9.62
CA LYS C 52 -6.50 6.84 9.04
C LYS C 52 -5.22 7.36 9.69
N THR C 53 -5.11 7.24 11.01
CA THR C 53 -3.89 7.68 11.71
C THR C 53 -2.68 6.76 11.42
N ASN C 54 -2.93 5.47 11.19
CA ASN C 54 -1.88 4.54 10.71
C ASN C 54 -1.35 4.93 9.36
N LEU C 55 -2.28 5.22 8.45
CA LEU C 55 -1.93 5.74 7.11
C LEU C 55 -1.08 7.00 7.19
N LEU C 56 -1.46 7.91 8.08
CA LEU C 56 -0.72 9.16 8.26
C LEU C 56 0.69 8.96 8.80
N TYR C 57 0.97 7.82 9.43
CA TYR C 57 2.33 7.45 9.81
C TYR C 57 3.26 7.26 8.59
N TYR C 58 2.72 6.78 7.48
CA TYR C 58 3.47 6.64 6.22
C TYR C 58 3.43 7.86 5.34
N PHE C 59 2.29 8.54 5.27
CA PHE C 59 2.08 9.69 4.37
C PHE C 59 1.37 10.80 5.12
N PRO C 60 2.05 11.94 5.33
CA PRO C 60 1.46 12.98 6.19
C PRO C 60 0.25 13.76 5.60
N SER C 61 -0.05 13.60 4.32
CA SER C 61 -1.24 14.21 3.70
C SER C 61 -1.70 13.43 2.48
N LYS C 62 -2.92 13.70 2.03
CA LYS C 62 -3.46 13.16 0.77
C LYS C 62 -2.58 13.55 -0.43
N GLU C 63 -2.12 14.77 -0.42
CA GLU C 63 -1.21 15.29 -1.44
C GLU C 63 0.07 14.45 -1.51
N ALA C 64 0.70 14.22 -0.37
CA ALA C 64 1.94 13.45 -0.32
C ALA C 64 1.75 12.03 -0.83
N LEU C 65 0.63 11.42 -0.46
CA LEU C 65 0.28 10.07 -0.92
C LEU C 65 0.08 10.04 -2.43
N TYR C 66 -0.63 11.01 -2.96
CA TYR C 66 -0.86 11.12 -4.39
C TYR C 66 0.45 11.20 -5.12
N ILE C 67 1.33 12.10 -4.66
CA ILE C 67 2.65 12.27 -5.26
C ILE C 67 3.45 10.97 -5.21
N ALA C 68 3.36 10.25 -4.10
CA ALA C 68 4.04 8.96 -3.95
C ALA C 68 3.52 7.93 -4.94
N VAL C 69 2.20 7.87 -5.12
CA VAL C 69 1.62 6.97 -6.14
C VAL C 69 2.18 7.25 -7.57
N LEU C 70 2.30 8.53 -7.90
CA LEU C 70 2.82 8.92 -9.19
C LEU C 70 4.31 8.74 -9.26
N ARG C 71 4.99 8.86 -8.12
CA ARG C 71 6.41 8.51 -8.02
C ARG C 71 6.66 7.00 -8.25
N GLN C 72 5.79 6.13 -7.76
CA GLN C 72 5.85 4.69 -8.05
C GLN C 72 5.84 4.36 -9.55
N ILE C 73 4.94 4.96 -10.33
CA ILE C 73 4.92 4.77 -11.78
C ILE C 73 6.12 5.43 -12.49
N LEU C 74 6.54 6.60 -12.03
CA LEU C 74 7.80 7.19 -12.52
C LEU C 74 9.00 6.23 -12.35
N ASP C 75 9.22 5.71 -11.14
CA ASP C 75 10.34 4.82 -10.86
C ASP C 75 10.30 3.59 -11.76
N ILE C 76 9.13 2.97 -11.89
CA ILE C 76 8.95 1.81 -12.75
C ILE C 76 9.31 2.20 -14.20
N TRP C 77 8.72 3.29 -14.69
CA TRP C 77 8.98 3.78 -16.05
C TRP C 77 10.46 4.08 -16.29
N LEU C 78 11.09 4.77 -15.34
CA LEU C 78 12.43 5.28 -15.55
C LEU C 78 13.53 4.28 -15.27
N ALA C 79 13.22 3.10 -14.71
CA ALA C 79 14.29 2.15 -14.31
C ALA C 79 15.26 1.79 -15.46
N PRO C 80 14.75 1.41 -16.64
CA PRO C 80 15.65 1.12 -17.76
C PRO C 80 16.51 2.31 -18.23
N LEU C 81 15.93 3.50 -18.23
CA LEU C 81 16.69 4.71 -18.61
C LEU C 81 17.77 5.08 -17.60
N LYS C 82 17.49 4.88 -16.31
CA LYS C 82 18.52 5.05 -15.26
C LYS C 82 19.71 4.11 -15.48
N ALA C 83 19.42 2.89 -15.90
CA ALA C 83 20.45 1.87 -16.14
C ALA C 83 21.40 2.16 -17.31
N PHE C 84 21.01 3.00 -18.27
CA PHE C 84 21.89 3.39 -19.41
C PHE C 84 23.29 3.81 -18.94
N ARG C 85 24.33 3.27 -19.59
CA ARG C 85 25.73 3.67 -19.37
C ARG C 85 26.43 3.94 -20.71
N GLU C 86 27.48 4.75 -20.68
CA GLU C 86 28.25 5.11 -21.89
C GLU C 86 28.65 3.87 -22.73
N ASP C 87 29.13 2.82 -22.06
CA ASP C 87 29.61 1.60 -22.72
C ASP C 87 28.55 0.67 -23.33
N PHE C 88 27.27 0.86 -23.00
CA PHE C 88 26.16 0.05 -23.58
C PHE C 88 26.14 0.14 -25.08
N ALA C 89 25.71 -0.93 -25.74
CA ALA C 89 25.43 -0.90 -27.19
C ALA C 89 24.09 -0.13 -27.45
N PRO C 90 24.17 1.07 -28.08
CA PRO C 90 23.01 1.99 -28.10
C PRO C 90 21.73 1.42 -28.67
N LEU C 91 21.80 0.70 -29.78
CA LEU C 91 20.59 0.20 -30.43
C LEU C 91 19.94 -0.90 -29.61
N ALA C 92 20.75 -1.79 -29.06
CA ALA C 92 20.24 -2.87 -28.22
C ALA C 92 19.58 -2.34 -26.94
N ALA C 93 20.19 -1.33 -26.34
CA ALA C 93 19.66 -0.69 -25.12
C ALA C 93 18.31 -0.01 -25.39
N ILE C 94 18.23 0.72 -26.49
CA ILE C 94 17.00 1.39 -26.86
C ILE C 94 15.88 0.40 -27.22
N LYS C 95 16.21 -0.64 -27.99
CA LYS C 95 15.26 -1.74 -28.27
C LYS C 95 14.65 -2.26 -26.98
N GLU C 96 15.51 -2.55 -26.01
CA GLU C 96 15.10 -3.16 -24.75
C GLU C 96 14.21 -2.19 -23.98
N TYR C 97 14.64 -0.93 -23.92
CA TYR C 97 13.83 0.16 -23.29
C TYR C 97 12.40 0.21 -23.85
N ILE C 98 12.28 0.11 -25.16
CA ILE C 98 10.95 0.14 -25.78
C ILE C 98 10.12 -1.04 -25.31
N ARG C 99 10.71 -2.23 -25.35
CA ARG C 99 10.02 -3.45 -24.90
C ARG C 99 9.56 -3.34 -23.46
N LEU C 100 10.46 -2.91 -22.58
CA LEU C 100 10.13 -2.78 -21.15
C LEU C 100 9.01 -1.76 -20.92
N LYS C 101 9.03 -0.66 -21.67
CA LYS C 101 7.97 0.34 -21.57
C LYS C 101 6.64 -0.22 -22.00
N LEU C 102 6.63 -1.02 -23.04
CA LEU C 102 5.38 -1.64 -23.45
C LEU C 102 4.88 -2.67 -22.44
N GLU C 103 5.79 -3.34 -21.74
CA GLU C 103 5.37 -4.27 -20.67
C GLU C 103 4.69 -3.50 -19.52
N VAL C 104 5.21 -2.33 -19.20
CA VAL C 104 4.57 -1.47 -18.22
C VAL C 104 3.19 -1.03 -18.67
N SER C 105 3.03 -0.65 -19.94
CA SER C 105 1.71 -0.29 -20.45
C SER C 105 0.74 -1.47 -20.36
N ARG C 106 1.22 -2.69 -20.52
CA ARG C 106 0.37 -3.88 -20.40
C ARG C 106 0.02 -4.14 -18.95
N ASP C 107 0.98 -3.97 -18.04
CA ASP C 107 0.87 -4.45 -16.66
C ASP C 107 0.41 -3.40 -15.64
N TYR C 108 0.67 -2.12 -15.91
CA TYR C 108 0.27 -1.06 -15.01
C TYR C 108 -0.52 0.07 -15.69
N PRO C 109 -1.56 -0.29 -16.46
CA PRO C 109 -2.21 0.72 -17.31
C PRO C 109 -2.93 1.78 -16.50
N GLN C 110 -3.54 1.39 -15.38
CA GLN C 110 -4.27 2.38 -14.61
C GLN C 110 -3.35 3.45 -13.99
N ALA C 111 -2.15 3.06 -13.63
CA ALA C 111 -1.12 4.01 -13.20
C ALA C 111 -0.68 4.97 -14.30
N SER C 112 -0.54 4.45 -15.52
CA SER C 112 -0.20 5.24 -16.69
C SER C 112 -1.28 6.27 -16.92
N ARG C 113 -2.54 5.83 -16.80
CA ARG C 113 -3.71 6.70 -16.95
C ARG C 113 -3.79 7.78 -15.88
N LEU C 114 -3.51 7.44 -14.62
CA LEU C 114 -3.49 8.44 -13.54
C LEU C 114 -2.39 9.48 -13.77
N PHE C 115 -1.23 9.04 -14.20
CA PHE C 115 -0.15 9.96 -14.47
C PHE C 115 -0.56 10.91 -15.60
N CYS C 116 -1.15 10.34 -16.64
CA CYS C 116 -1.62 11.15 -17.76
C CYS C 116 -2.64 12.18 -17.33
N MET C 117 -3.57 11.76 -16.47
CA MET C 117 -4.61 12.64 -15.91
C MET C 117 -4.00 13.85 -15.22
N GLU C 118 -2.97 13.61 -14.43
CA GLU C 118 -2.25 14.69 -13.75
C GLU C 118 -1.63 15.68 -14.75
N MET C 119 -1.06 15.18 -15.85
CA MET C 119 -0.48 16.03 -16.91
C MET C 119 -1.57 16.88 -17.58
N LEU C 120 -2.71 16.25 -17.89
CA LEU C 120 -3.84 16.95 -18.51
C LEU C 120 -4.33 18.13 -17.70
N ALA C 121 -4.24 18.02 -16.38
CA ALA C 121 -4.64 19.10 -15.49
C ALA C 121 -3.53 20.15 -15.29
N GLY C 122 -2.39 20.01 -15.96
CA GLY C 122 -1.30 20.98 -15.88
C GLY C 122 -0.22 20.62 -14.86
N ALA C 123 -0.24 19.38 -14.41
CA ALA C 123 0.64 18.90 -13.34
C ALA C 123 0.64 19.78 -12.09
N PRO C 124 -0.55 20.04 -11.52
CA PRO C 124 -0.60 20.95 -10.37
C PRO C 124 0.16 20.44 -9.15
N LEU C 125 0.16 19.13 -8.91
CA LEU C 125 0.87 18.56 -7.75
C LEU C 125 2.20 17.90 -8.06
N LEU C 126 2.38 17.49 -9.31
CA LEU C 126 3.56 16.78 -9.70
C LEU C 126 4.65 17.64 -10.32
N MET C 127 4.41 18.94 -10.52
CA MET C 127 5.36 19.80 -11.23
C MET C 127 6.77 19.75 -10.67
N ASP C 128 6.91 19.72 -9.35
CA ASP C 128 8.23 19.69 -8.70
C ASP C 128 9.05 18.44 -9.04
N GLU C 129 8.39 17.29 -9.11
CA GLU C 129 9.01 16.06 -9.57
C GLU C 129 9.56 16.15 -10.99
N LEU C 130 8.86 16.88 -11.86
CA LEU C 130 9.27 17.06 -13.24
C LEU C 130 10.43 18.04 -13.41
N THR C 131 10.35 19.20 -12.76
CA THR C 131 11.41 20.22 -12.85
C THR C 131 12.70 19.87 -12.12
N GLY C 132 12.62 19.04 -11.08
CA GLY C 132 13.78 18.62 -10.31
C GLY C 132 14.38 17.31 -10.80
N ASP C 133 13.94 16.20 -10.21
CA ASP C 133 14.56 14.88 -10.45
C ASP C 133 14.47 14.38 -11.88
N LEU C 134 13.31 14.57 -12.51
CA LEU C 134 13.14 14.13 -13.91
C LEU C 134 14.06 14.90 -14.84
N LYS C 135 13.98 16.23 -14.80
CA LYS C 135 14.85 17.09 -15.63
C LYS C 135 16.34 16.74 -15.49
N ALA C 136 16.78 16.53 -14.25
CA ALA C 136 18.19 16.20 -14.00
C ALA C 136 18.58 14.87 -14.63
N LEU C 137 17.69 13.87 -14.54
CA LEU C 137 17.93 12.59 -15.15
C LEU C 137 18.02 12.72 -16.67
N ILE C 138 17.07 13.44 -17.27
CA ILE C 138 16.98 13.52 -18.71
C ILE C 138 18.14 14.31 -19.31
N ASP C 139 18.61 15.35 -18.62
CA ASP C 139 19.87 16.03 -19.00
C ASP C 139 21.05 15.06 -19.02
N GLU C 140 21.17 14.27 -17.96
CA GLU C 140 22.26 13.31 -17.82
C GLU C 140 22.27 12.31 -18.95
N LYS C 141 21.11 11.69 -19.20
CA LYS C 141 21.00 10.64 -20.21
C LYS C 141 20.89 11.19 -21.63
N SER C 142 20.51 12.46 -21.77
CA SER C 142 20.55 13.13 -23.08
C SER C 142 22.00 13.34 -23.54
N ALA C 143 22.85 13.77 -22.62
CA ALA C 143 24.30 13.92 -22.88
C ALA C 143 24.95 12.59 -23.26
N LEU C 144 24.51 11.54 -22.58
CA LEU C 144 24.98 10.19 -22.85
C LEU C 144 24.58 9.76 -24.26
N ILE C 145 23.34 10.01 -24.64
CA ILE C 145 22.86 9.71 -26.00
C ILE C 145 23.51 10.62 -27.04
N ALA C 146 23.73 11.88 -26.69
CA ALA C 146 24.43 12.80 -27.58
C ALA C 146 25.84 12.27 -27.88
N GLY C 147 26.52 11.76 -26.85
CA GLY C 147 27.83 11.11 -27.00
C GLY C 147 27.81 9.97 -28.01
N TRP C 148 26.75 9.17 -28.01
CA TRP C 148 26.57 8.14 -29.03
C TRP C 148 26.35 8.73 -30.44
N VAL C 149 25.64 9.85 -30.52
CA VAL C 149 25.51 10.58 -31.78
C VAL C 149 26.89 11.02 -32.26
N LYS C 150 27.69 11.68 -31.42
CA LYS C 150 29.03 12.16 -31.83
C LYS C 150 29.97 11.02 -32.26
N SER C 151 29.88 9.87 -31.59
CA SER C 151 30.65 8.66 -31.96
C SER C 151 30.24 7.98 -33.29
N GLY C 152 29.08 8.36 -33.85
CA GLY C 152 28.55 7.70 -35.04
C GLY C 152 27.85 6.38 -34.76
N LYS C 153 27.58 6.07 -33.49
CA LYS C 153 26.80 4.89 -33.11
C LYS C 153 25.28 5.08 -33.28
N LEU C 154 24.84 6.33 -33.41
CA LEU C 154 23.47 6.67 -33.85
C LEU C 154 23.47 7.76 -34.91
N ALA C 155 22.44 7.77 -35.74
CA ALA C 155 22.19 8.87 -36.67
C ALA C 155 21.97 10.18 -35.89
N PRO C 156 22.24 11.34 -36.50
CA PRO C 156 22.01 12.60 -35.79
C PRO C 156 20.52 12.91 -35.51
N ILE C 157 20.07 12.59 -34.30
CA ILE C 157 18.74 12.97 -33.81
C ILE C 157 18.92 13.74 -32.52
N ASP C 158 17.89 14.47 -32.13
CA ASP C 158 17.92 15.15 -30.84
C ASP C 158 17.57 14.14 -29.75
N PRO C 159 18.43 14.00 -28.73
CA PRO C 159 18.17 13.05 -27.65
C PRO C 159 16.84 13.24 -26.94
N GLN C 160 16.47 14.47 -26.63
CA GLN C 160 15.22 14.74 -25.90
C GLN C 160 14.02 14.29 -26.69
N HIS C 161 13.98 14.66 -27.96
CA HIS C 161 12.86 14.28 -28.80
C HIS C 161 12.79 12.76 -29.02
N LEU C 162 13.94 12.10 -29.09
CA LEU C 162 13.97 10.63 -29.12
C LEU C 162 13.29 10.04 -27.89
N ILE C 163 13.72 10.52 -26.73
CA ILE C 163 13.17 10.09 -25.46
C ILE C 163 11.65 10.32 -25.38
N PHE C 164 11.19 11.50 -25.77
CA PHE C 164 9.76 11.78 -25.78
C PHE C 164 8.98 10.87 -26.70
N MET C 165 9.58 10.49 -27.82
CA MET C 165 8.91 9.57 -28.74
C MET C 165 8.76 8.17 -28.15
N ILE C 166 9.78 7.72 -27.41
CA ILE C 166 9.70 6.42 -26.75
C ILE C 166 8.55 6.43 -25.73
N TRP C 167 8.53 7.47 -24.92
CA TRP C 167 7.46 7.66 -23.94
C TRP C 167 6.08 7.72 -24.56
N ALA C 168 5.92 8.58 -25.54
CA ALA C 168 4.61 8.80 -26.15
C ALA C 168 4.09 7.56 -26.86
N SER C 169 4.96 6.92 -27.65
CA SER C 169 4.53 5.79 -28.46
C SER C 169 4.18 4.58 -27.59
N THR C 170 4.92 4.36 -26.52
CA THR C 170 4.68 3.20 -25.66
C THR C 170 3.51 3.41 -24.71
N GLN C 171 3.37 4.62 -24.15
CA GLN C 171 2.26 4.94 -23.25
C GLN C 171 0.90 5.02 -23.95
N HIS C 172 0.92 5.31 -25.25
CA HIS C 172 -0.31 5.41 -26.05
C HIS C 172 -1.16 4.15 -25.91
N TYR C 173 -0.52 2.99 -25.87
CA TYR C 173 -1.26 1.74 -25.86
C TYR C 173 -2.06 1.50 -24.57
N ALA C 174 -1.65 2.11 -23.47
CA ALA C 174 -2.45 2.12 -22.22
C ALA C 174 -3.47 3.27 -22.22
N ASP C 175 -2.94 4.48 -22.38
CA ASP C 175 -3.75 5.70 -22.24
C ASP C 175 -4.88 5.76 -23.28
N PHE C 176 -4.62 5.27 -24.50
CA PHE C 176 -5.57 5.30 -25.63
C PHE C 176 -6.09 3.90 -26.00
N ALA C 177 -5.99 2.97 -25.06
CA ALA C 177 -6.43 1.57 -25.26
C ALA C 177 -7.84 1.41 -25.83
N PRO C 178 -8.82 2.22 -25.37
CA PRO C 178 -10.15 2.10 -26.00
C PRO C 178 -10.15 2.36 -27.51
N GLN C 179 -9.35 3.33 -27.95
CA GLN C 179 -9.22 3.66 -29.38
C GLN C 179 -8.48 2.58 -30.11
N VAL C 180 -7.39 2.12 -29.51
CA VAL C 180 -6.61 1.03 -30.07
C VAL C 180 -7.51 -0.19 -30.26
N GLU C 181 -8.28 -0.53 -29.24
CA GLU C 181 -9.21 -1.65 -29.32
C GLU C 181 -10.30 -1.45 -30.36
N ALA C 182 -10.87 -0.25 -30.44
CA ALA C 182 -11.89 0.02 -31.47
C ALA C 182 -11.37 -0.17 -32.89
N VAL C 183 -10.15 0.29 -33.13
CA VAL C 183 -9.54 0.22 -34.46
C VAL C 183 -9.02 -1.19 -34.78
N THR C 184 -8.27 -1.80 -33.85
CA THR C 184 -7.60 -3.08 -34.11
C THR C 184 -8.36 -4.33 -33.66
N GLY C 185 -9.29 -4.17 -32.71
CA GLY C 185 -9.95 -5.30 -32.07
C GLY C 185 -9.19 -5.89 -30.89
N ALA C 186 -8.02 -5.32 -30.57
CA ALA C 186 -7.10 -5.94 -29.61
C ALA C 186 -6.67 -5.03 -28.45
N THR C 187 -6.01 -5.65 -27.48
CA THR C 187 -5.37 -4.97 -26.37
C THR C 187 -3.99 -5.63 -26.17
N LEU C 188 -3.19 -5.02 -25.29
CA LEU C 188 -1.88 -5.56 -24.96
C LEU C 188 -1.93 -6.88 -24.16
N ARG C 189 -3.08 -7.21 -23.58
CA ARG C 189 -3.30 -8.51 -22.95
C ARG C 189 -3.37 -9.67 -23.97
N ASP C 190 -3.65 -9.34 -25.24
CA ASP C 190 -3.52 -10.28 -26.35
C ASP C 190 -2.04 -10.47 -26.72
N GLU C 191 -1.53 -11.69 -26.57
CA GLU C 191 -0.08 -11.94 -26.67
C GLU C 191 0.50 -11.66 -28.06
N VAL C 192 -0.28 -11.97 -29.10
CA VAL C 192 0.11 -11.74 -30.50
C VAL C 192 0.18 -10.23 -30.81
N PHE C 193 -0.85 -9.50 -30.37
CA PHE C 193 -0.89 -8.03 -30.54
C PHE C 193 0.25 -7.35 -29.80
N PHE C 194 0.48 -7.77 -28.57
CA PHE C 194 1.60 -7.27 -27.78
C PHE C 194 2.90 -7.41 -28.57
N ASN C 195 3.15 -8.60 -29.09
CA ASN C 195 4.37 -8.85 -29.85
C ASN C 195 4.51 -8.02 -31.11
N GLN C 196 3.42 -7.93 -31.89
CA GLN C 196 3.39 -7.07 -33.08
C GLN C 196 3.70 -5.62 -32.71
N THR C 197 3.10 -5.15 -31.60
CA THR C 197 3.27 -3.78 -31.14
C THR C 197 4.73 -3.52 -30.84
N VAL C 198 5.35 -4.42 -30.07
CA VAL C 198 6.77 -4.29 -29.72
C VAL C 198 7.61 -4.26 -30.99
N GLU C 199 7.36 -5.20 -31.91
CA GLU C 199 8.22 -5.32 -33.12
C GLU C 199 8.11 -4.06 -33.99
N ASN C 200 6.91 -3.51 -34.14
CA ASN C 200 6.73 -2.32 -35.00
C ASN C 200 7.22 -1.02 -34.41
N VAL C 201 7.03 -0.84 -33.11
CA VAL C 201 7.51 0.36 -32.46
C VAL C 201 9.02 0.35 -32.49
N GLN C 202 9.62 -0.79 -32.22
CA GLN C 202 11.07 -0.94 -32.33
C GLN C 202 11.56 -0.73 -33.75
N ARG C 203 10.88 -1.35 -34.72
CA ARG C 203 11.26 -1.21 -36.13
C ARG C 203 11.36 0.27 -36.51
N ILE C 204 10.31 1.04 -36.21
CA ILE C 204 10.27 2.44 -36.64
C ILE C 204 11.35 3.26 -35.94
N ILE C 205 11.39 3.20 -34.62
CA ILE C 205 12.33 4.04 -33.87
C ILE C 205 13.78 3.62 -34.12
N ILE C 206 14.05 2.32 -34.09
CA ILE C 206 15.42 1.81 -34.29
C ILE C 206 15.93 2.10 -35.69
N GLU C 207 15.13 1.85 -36.71
CA GLU C 207 15.55 2.13 -38.09
C GLU C 207 15.68 3.63 -38.32
N GLY C 208 14.84 4.41 -37.64
CA GLY C 208 14.96 5.86 -37.64
C GLY C 208 16.24 6.40 -37.03
N ILE C 209 16.83 5.70 -36.07
CA ILE C 209 18.08 6.15 -35.43
C ILE C 209 19.33 5.35 -35.79
N ARG C 210 19.19 4.28 -36.55
CA ARG C 210 20.34 3.48 -36.95
C ARG C 210 21.30 4.37 -37.76
N PRO C 211 22.61 4.35 -37.45
CA PRO C 211 23.54 5.07 -38.33
C PRO C 211 23.62 4.50 -39.76
N ARG C 212 23.68 5.42 -40.71
CA ARG C 212 23.74 5.12 -42.15
C ARG C 212 25.07 5.59 -42.77
N SER D 17 -23.50 29.88 -37.77
CA SER D 17 -22.14 29.31 -37.57
C SER D 17 -21.33 30.17 -36.59
N ALA D 18 -21.55 31.49 -36.51
CA ALA D 18 -20.81 32.28 -35.50
C ALA D 18 -21.32 31.92 -34.11
N LYS D 19 -22.62 31.63 -33.95
CA LYS D 19 -23.18 31.28 -32.65
C LYS D 19 -22.90 29.82 -32.36
N LYS D 20 -23.08 28.96 -33.35
CA LYS D 20 -22.72 27.55 -33.19
C LYS D 20 -21.25 27.43 -32.77
N LYS D 21 -20.36 28.14 -33.47
CA LYS D 21 -18.94 28.16 -33.15
C LYS D 21 -18.67 28.71 -31.73
N ALA D 22 -19.39 29.75 -31.33
CA ALA D 22 -19.25 30.34 -29.98
C ALA D 22 -19.68 29.37 -28.87
N ILE D 23 -20.75 28.62 -29.13
CA ILE D 23 -21.20 27.58 -28.23
C ILE D 23 -20.17 26.46 -28.11
N LEU D 24 -19.66 25.99 -29.24
CA LEU D 24 -18.66 24.91 -29.22
C LEU D 24 -17.44 25.33 -28.45
N SER D 25 -16.99 26.56 -28.67
CA SER D 25 -15.76 27.01 -28.04
C SER D 25 -16.00 27.22 -26.54
N ALA D 26 -17.18 27.75 -26.18
CA ALA D 26 -17.56 27.88 -24.77
C ALA D 26 -17.67 26.51 -24.08
N ALA D 27 -18.26 25.55 -24.78
CA ALA D 27 -18.41 24.20 -24.28
C ALA D 27 -17.06 23.56 -24.00
N LEU D 28 -16.15 23.68 -24.94
CA LEU D 28 -14.80 23.19 -24.74
C LEU D 28 -14.22 23.68 -23.41
N ASP D 29 -14.25 25.00 -23.18
CA ASP D 29 -13.68 25.56 -21.95
C ASP D 29 -14.38 25.10 -20.68
N THR D 30 -15.71 25.01 -20.74
CA THR D 30 -16.52 24.64 -19.60
C THR D 30 -16.28 23.16 -19.29
N PHE D 31 -16.40 22.31 -20.31
CA PHE D 31 -16.12 20.89 -20.14
C PHE D 31 -14.72 20.61 -19.57
N SER D 32 -13.70 21.31 -20.08
CA SER D 32 -12.32 21.14 -19.57
C SER D 32 -12.22 21.48 -18.09
N GLN D 33 -12.92 22.53 -17.68
CA GLN D 33 -12.84 23.02 -16.31
C GLN D 33 -13.67 22.22 -15.33
N PHE D 34 -14.89 21.84 -15.71
CA PHE D 34 -15.84 21.18 -14.77
C PHE D 34 -16.12 19.69 -15.04
N GLY D 35 -15.65 19.15 -16.17
CA GLY D 35 -15.95 17.76 -16.56
C GLY D 35 -17.38 17.64 -17.08
N PHE D 36 -17.68 16.50 -17.71
CA PHE D 36 -18.97 16.31 -18.37
C PHE D 36 -20.13 16.46 -17.41
N HIS D 37 -20.03 15.75 -16.28
CA HIS D 37 -21.12 15.68 -15.29
C HIS D 37 -21.32 16.96 -14.51
N GLY D 38 -20.24 17.63 -14.16
CA GLY D 38 -20.30 18.92 -13.44
C GLY D 38 -20.76 20.12 -14.26
N THR D 39 -20.67 20.01 -15.58
CA THR D 39 -21.02 21.11 -16.48
C THR D 39 -22.54 21.21 -16.65
N ARG D 40 -23.06 22.44 -16.59
CA ARG D 40 -24.48 22.74 -16.85
C ARG D 40 -24.61 23.56 -18.13
N LEU D 41 -25.65 23.27 -18.90
CA LEU D 41 -25.86 23.97 -20.19
C LEU D 41 -26.04 25.48 -20.01
N GLU D 42 -26.62 25.88 -18.88
CA GLU D 42 -26.72 27.31 -18.53
C GLU D 42 -25.33 28.00 -18.44
N GLN D 43 -24.29 27.30 -17.94
CA GLN D 43 -22.90 27.88 -17.87
C GLN D 43 -22.31 28.16 -19.25
N ILE D 44 -22.53 27.22 -20.17
CA ILE D 44 -22.04 27.30 -21.55
C ILE D 44 -22.76 28.41 -22.30
N ALA D 45 -24.09 28.37 -22.26
CA ALA D 45 -24.93 29.45 -22.77
C ALA D 45 -24.44 30.85 -22.36
N GLU D 46 -24.25 31.08 -21.07
CA GLU D 46 -23.84 32.40 -20.59
C GLU D 46 -22.47 32.79 -21.12
N LEU D 47 -21.54 31.84 -21.10
CA LEU D 47 -20.20 32.06 -21.69
C LEU D 47 -20.21 32.34 -23.21
N ALA D 48 -21.18 31.77 -23.95
CA ALA D 48 -21.32 32.02 -25.41
C ALA D 48 -22.22 33.20 -25.84
N GLY D 49 -22.79 33.92 -24.88
CA GLY D 49 -23.75 34.97 -25.20
C GLY D 49 -25.07 34.53 -25.82
N VAL D 50 -25.57 33.33 -25.48
CA VAL D 50 -26.89 32.88 -25.97
C VAL D 50 -27.77 32.35 -24.85
N SER D 51 -29.06 32.21 -25.12
CA SER D 51 -29.97 31.63 -24.14
C SER D 51 -29.86 30.12 -24.23
N LYS D 52 -30.21 29.45 -23.13
CA LYS D 52 -30.25 27.99 -23.10
C LYS D 52 -31.09 27.45 -24.27
N THR D 53 -32.24 28.05 -24.55
CA THR D 53 -33.15 27.52 -25.60
C THR D 53 -32.58 27.77 -27.01
N ASN D 54 -31.85 28.88 -27.18
CA ASN D 54 -31.10 29.09 -28.41
C ASN D 54 -29.99 28.03 -28.59
N LEU D 55 -29.25 27.72 -27.51
CA LEU D 55 -28.25 26.64 -27.52
C LEU D 55 -28.88 25.31 -27.94
N LEU D 56 -30.04 25.01 -27.39
CA LEU D 56 -30.75 23.76 -27.71
C LEU D 56 -31.25 23.66 -29.14
N TYR D 57 -31.37 24.79 -29.84
CA TYR D 57 -31.63 24.73 -31.29
C TYR D 57 -30.45 24.12 -32.06
N TYR D 58 -29.21 24.35 -31.60
CA TYR D 58 -28.01 23.77 -32.22
C TYR D 58 -27.71 22.35 -31.71
N PHE D 59 -27.88 22.11 -30.41
CA PHE D 59 -27.51 20.82 -29.78
C PHE D 59 -28.61 20.40 -28.83
N PRO D 60 -29.31 19.30 -29.14
CA PRO D 60 -30.49 18.93 -28.35
C PRO D 60 -30.21 18.42 -26.92
N SER D 61 -28.95 18.14 -26.58
CA SER D 61 -28.58 17.72 -25.23
C SER D 61 -27.13 18.05 -24.93
N LYS D 62 -26.79 18.01 -23.65
CA LYS D 62 -25.40 18.14 -23.22
C LYS D 62 -24.49 17.07 -23.82
N GLU D 63 -24.99 15.84 -23.89
CA GLU D 63 -24.26 14.73 -24.50
C GLU D 63 -23.92 15.04 -25.96
N ALA D 64 -24.90 15.50 -26.72
CA ALA D 64 -24.71 15.79 -28.15
C ALA D 64 -23.67 16.89 -28.34
N LEU D 65 -23.71 17.90 -27.48
CA LEU D 65 -22.75 18.99 -27.52
C LEU D 65 -21.34 18.50 -27.21
N TYR D 66 -21.22 17.66 -26.19
CA TYR D 66 -19.92 17.09 -25.80
C TYR D 66 -19.30 16.33 -26.97
N ILE D 67 -20.11 15.47 -27.58
CA ILE D 67 -19.66 14.67 -28.74
C ILE D 67 -19.25 15.58 -29.89
N ALA D 68 -19.99 16.66 -30.10
CA ALA D 68 -19.68 17.64 -31.15
C ALA D 68 -18.35 18.33 -30.90
N VAL D 69 -18.09 18.70 -29.64
CA VAL D 69 -16.79 19.26 -29.28
C VAL D 69 -15.64 18.32 -29.68
N LEU D 70 -15.82 17.03 -29.38
CA LEU D 70 -14.78 16.04 -29.65
C LEU D 70 -14.71 15.71 -31.13
N ARG D 71 -15.85 15.82 -31.81
CA ARG D 71 -15.89 15.69 -33.27
C ARG D 71 -15.08 16.82 -33.97
N GLN D 72 -15.14 18.05 -33.45
CA GLN D 72 -14.35 19.18 -33.97
C GLN D 72 -12.89 18.85 -34.01
N ILE D 73 -12.36 18.36 -32.90
CA ILE D 73 -10.95 17.97 -32.84
C ILE D 73 -10.62 16.75 -33.73
N LEU D 74 -11.50 15.77 -33.78
CA LEU D 74 -11.31 14.64 -34.71
C LEU D 74 -11.18 15.11 -36.16
N ASP D 75 -12.12 15.94 -36.62
CA ASP D 75 -12.11 16.45 -37.99
C ASP D 75 -10.82 17.19 -38.30
N ILE D 76 -10.40 18.09 -37.40
CA ILE D 76 -9.15 18.85 -37.60
C ILE D 76 -8.00 17.84 -37.69
N TRP D 77 -7.92 16.91 -36.73
CA TRP D 77 -6.85 15.90 -36.71
C TRP D 77 -6.80 15.04 -37.97
N LEU D 78 -7.95 14.55 -38.39
CA LEU D 78 -8.02 13.59 -39.46
C LEU D 78 -7.97 14.18 -40.86
N ALA D 79 -8.05 15.51 -41.02
CA ALA D 79 -8.17 16.09 -42.37
C ALA D 79 -7.03 15.64 -43.31
N PRO D 80 -5.76 15.74 -42.86
CA PRO D 80 -4.66 15.32 -43.75
C PRO D 80 -4.69 13.82 -44.10
N LEU D 81 -5.09 12.98 -43.16
CA LEU D 81 -5.18 11.55 -43.41
C LEU D 81 -6.31 11.21 -44.37
N LYS D 82 -7.43 11.93 -44.28
CA LYS D 82 -8.51 11.80 -45.28
C LYS D 82 -8.01 12.10 -46.71
N ALA D 83 -7.15 13.10 -46.82
CA ALA D 83 -6.62 13.57 -48.11
C ALA D 83 -5.68 12.60 -48.81
N PHE D 84 -5.06 11.66 -48.07
CA PHE D 84 -4.18 10.63 -48.68
C PHE D 84 -4.83 9.95 -49.88
N ARG D 85 -4.07 9.84 -50.98
CA ARG D 85 -4.50 9.06 -52.18
C ARG D 85 -3.37 8.13 -52.63
N GLU D 86 -3.73 7.05 -53.34
CA GLU D 86 -2.77 6.07 -53.84
C GLU D 86 -1.56 6.71 -54.57
N ASP D 87 -1.85 7.67 -55.45
CA ASP D 87 -0.81 8.33 -56.26
C ASP D 87 0.13 9.32 -55.53
N PHE D 88 -0.18 9.71 -54.28
CA PHE D 88 0.69 10.60 -53.48
C PHE D 88 2.07 10.01 -53.29
N ALA D 89 3.09 10.86 -53.20
CA ALA D 89 4.45 10.43 -52.82
C ALA D 89 4.50 10.13 -51.31
N PRO D 90 4.68 8.85 -50.93
CA PRO D 90 4.41 8.45 -49.53
C PRO D 90 5.21 9.18 -48.46
N LEU D 91 6.51 9.38 -48.69
CA LEU D 91 7.33 10.02 -47.68
C LEU D 91 6.97 11.51 -47.51
N ALA D 92 6.74 12.20 -48.63
CA ALA D 92 6.34 13.60 -48.57
C ALA D 92 5.00 13.80 -47.87
N ALA D 93 4.05 12.90 -48.13
CA ALA D 93 2.72 12.96 -47.52
C ALA D 93 2.80 12.75 -46.02
N ILE D 94 3.58 11.77 -45.60
CA ILE D 94 3.74 11.47 -44.19
C ILE D 94 4.49 12.59 -43.45
N LYS D 95 5.56 13.12 -44.05
CA LYS D 95 6.23 14.33 -43.52
C LYS D 95 5.25 15.45 -43.24
N GLU D 96 4.40 15.73 -44.22
CA GLU D 96 3.43 16.83 -44.14
C GLU D 96 2.39 16.55 -43.03
N TYR D 97 1.86 15.33 -43.00
CA TYR D 97 0.94 14.88 -41.94
C TYR D 97 1.52 15.13 -40.53
N ILE D 98 2.79 14.81 -40.33
CA ILE D 98 3.42 15.01 -39.04
C ILE D 98 3.43 16.49 -38.70
N ARG D 99 3.84 17.32 -39.66
CA ARG D 99 3.90 18.77 -39.46
C ARG D 99 2.52 19.30 -39.08
N LEU D 100 1.51 18.91 -39.85
CA LEU D 100 0.16 19.42 -39.62
C LEU D 100 -0.37 19.01 -38.25
N LYS D 101 -0.03 17.79 -37.83
CA LYS D 101 -0.45 17.33 -36.51
C LYS D 101 0.23 18.13 -35.42
N LEU D 102 1.50 18.47 -35.60
CA LEU D 102 2.15 19.30 -34.59
C LEU D 102 1.59 20.70 -34.55
N GLU D 103 1.15 21.23 -35.69
CA GLU D 103 0.46 22.54 -35.71
C GLU D 103 -0.82 22.48 -34.89
N VAL D 104 -1.56 21.39 -34.99
CA VAL D 104 -2.74 21.21 -34.19
C VAL D 104 -2.40 21.16 -32.70
N SER D 105 -1.33 20.44 -32.34
CA SER D 105 -0.91 20.41 -30.93
C SER D 105 -0.53 21.79 -30.41
N ARG D 106 0.02 22.64 -31.27
CA ARG D 106 0.33 24.02 -30.92
C ARG D 106 -0.93 24.85 -30.76
N ASP D 107 -1.89 24.67 -31.65
CA ASP D 107 -3.01 25.62 -31.83
C ASP D 107 -4.29 25.21 -31.15
N TYR D 108 -4.50 23.91 -30.95
CA TYR D 108 -5.70 23.44 -30.26
C TYR D 108 -5.38 22.46 -29.11
N PRO D 109 -4.43 22.82 -28.24
CA PRO D 109 -4.01 21.89 -27.19
C PRO D 109 -5.13 21.49 -26.21
N GLN D 110 -5.99 22.43 -25.82
CA GLN D 110 -7.01 22.15 -24.84
C GLN D 110 -7.99 21.09 -25.34
N ALA D 111 -8.26 21.13 -26.64
CA ALA D 111 -9.10 20.12 -27.28
C ALA D 111 -8.44 18.73 -27.31
N SER D 112 -7.13 18.71 -27.53
CA SER D 112 -6.34 17.49 -27.53
C SER D 112 -6.43 16.88 -26.15
N ARG D 113 -6.33 17.73 -25.12
CA ARG D 113 -6.41 17.30 -23.72
C ARG D 113 -7.79 16.75 -23.36
N LEU D 114 -8.85 17.39 -23.81
CA LEU D 114 -10.22 16.88 -23.55
C LEU D 114 -10.46 15.53 -24.25
N PHE D 115 -9.98 15.40 -25.48
CA PHE D 115 -10.09 14.14 -26.17
C PHE D 115 -9.37 13.03 -25.38
N CYS D 116 -8.15 13.34 -24.94
CA CYS D 116 -7.38 12.40 -24.17
C CYS D 116 -8.11 12.00 -22.88
N MET D 117 -8.69 12.98 -22.21
CA MET D 117 -9.49 12.75 -21.00
C MET D 117 -10.63 11.76 -21.22
N GLU D 118 -11.34 11.92 -22.32
CA GLU D 118 -12.42 11.02 -22.69
C GLU D 118 -11.91 9.59 -22.88
N MET D 119 -10.73 9.42 -23.49
CA MET D 119 -10.11 8.09 -23.66
C MET D 119 -9.76 7.48 -22.30
N LEU D 120 -9.15 8.28 -21.43
CA LEU D 120 -8.75 7.82 -20.10
C LEU D 120 -9.93 7.28 -19.29
N ALA D 121 -11.12 7.84 -19.53
CA ALA D 121 -12.34 7.35 -18.86
C ALA D 121 -13.00 6.16 -19.56
N GLY D 122 -12.39 5.65 -20.63
CA GLY D 122 -12.88 4.47 -21.34
C GLY D 122 -13.75 4.81 -22.55
N ALA D 123 -13.71 6.07 -22.97
CA ALA D 123 -14.56 6.58 -24.05
C ALA D 123 -16.05 6.25 -23.86
N PRO D 124 -16.63 6.63 -22.71
CA PRO D 124 -18.04 6.29 -22.47
C PRO D 124 -19.03 6.94 -23.46
N LEU D 125 -18.75 8.15 -23.92
CA LEU D 125 -19.65 8.84 -24.86
C LEU D 125 -19.17 8.84 -26.30
N LEU D 126 -17.86 8.67 -26.49
CA LEU D 126 -17.27 8.76 -27.81
C LEU D 126 -17.04 7.42 -28.49
N MET D 127 -17.34 6.31 -27.82
CA MET D 127 -17.04 5.00 -28.36
C MET D 127 -17.60 4.78 -29.78
N ASP D 128 -18.84 5.23 -30.03
CA ASP D 128 -19.47 4.99 -31.34
C ASP D 128 -18.72 5.70 -32.48
N GLU D 129 -18.20 6.89 -32.23
CA GLU D 129 -17.34 7.60 -33.18
C GLU D 129 -16.08 6.79 -33.55
N LEU D 130 -15.53 6.08 -32.57
CA LEU D 130 -14.32 5.29 -32.76
C LEU D 130 -14.57 3.99 -33.51
N THR D 131 -15.60 3.24 -33.10
CA THR D 131 -15.93 1.96 -33.75
C THR D 131 -16.50 2.09 -35.16
N GLY D 132 -17.15 3.22 -35.47
CA GLY D 132 -17.78 3.45 -36.76
C GLY D 132 -16.84 4.20 -37.68
N ASP D 133 -16.96 5.53 -37.69
CA ASP D 133 -16.30 6.38 -38.70
C ASP D 133 -14.78 6.33 -38.65
N LEU D 134 -14.20 6.32 -37.45
CA LEU D 134 -12.76 6.26 -37.30
C LEU D 134 -12.21 4.93 -37.82
N LYS D 135 -12.74 3.82 -37.30
CA LYS D 135 -12.30 2.49 -37.75
C LYS D 135 -12.36 2.33 -39.27
N ALA D 136 -13.45 2.78 -39.88
CA ALA D 136 -13.63 2.68 -41.32
C ALA D 136 -12.56 3.47 -42.07
N LEU D 137 -12.27 4.67 -41.57
CA LEU D 137 -11.23 5.49 -42.18
C LEU D 137 -9.86 4.83 -42.08
N ILE D 138 -9.53 4.32 -40.90
CA ILE D 138 -8.20 3.77 -40.68
C ILE D 138 -7.97 2.46 -41.46
N ASP D 139 -9.01 1.64 -41.59
CA ASP D 139 -8.95 0.47 -42.50
C ASP D 139 -8.63 0.90 -43.94
N GLU D 140 -9.35 1.91 -44.42
CA GLU D 140 -9.20 2.42 -45.78
C GLU D 140 -7.77 2.90 -46.04
N LYS D 141 -7.27 3.75 -45.15
CA LYS D 141 -5.95 4.35 -45.32
C LYS D 141 -4.81 3.41 -44.91
N SER D 142 -5.11 2.39 -44.11
CA SER D 142 -4.12 1.35 -43.82
C SER D 142 -3.84 0.52 -45.06
N ALA D 143 -4.89 0.16 -45.80
CA ALA D 143 -4.76 -0.56 -47.07
C ALA D 143 -3.95 0.24 -48.08
N LEU D 144 -4.18 1.54 -48.08
CA LEU D 144 -3.49 2.47 -48.97
C LEU D 144 -2.00 2.49 -48.64
N ILE D 145 -1.67 2.57 -47.36
CA ILE D 145 -0.29 2.52 -46.90
C ILE D 145 0.34 1.13 -47.13
N ALA D 146 -0.44 0.07 -46.94
CA ALA D 146 0.02 -1.29 -47.21
C ALA D 146 0.43 -1.42 -48.66
N GLY D 147 -0.36 -0.85 -49.56
CA GLY D 147 -0.04 -0.80 -50.99
C GLY D 147 1.31 -0.16 -51.28
N TRP D 148 1.64 0.91 -50.56
CA TRP D 148 2.96 1.53 -50.66
C TRP D 148 4.07 0.61 -50.14
N VAL D 149 3.77 -0.14 -49.08
CA VAL D 149 4.71 -1.17 -48.59
C VAL D 149 4.95 -2.21 -49.70
N LYS D 150 3.88 -2.77 -50.29
CA LYS D 150 4.05 -3.84 -51.31
C LYS D 150 4.81 -3.32 -52.55
N SER D 151 4.62 -2.06 -52.93
CA SER D 151 5.36 -1.42 -54.04
C SER D 151 6.86 -1.16 -53.77
N GLY D 152 7.30 -1.26 -52.52
CA GLY D 152 8.66 -0.90 -52.15
C GLY D 152 8.91 0.61 -51.98
N LYS D 153 7.83 1.40 -51.92
CA LYS D 153 7.92 2.85 -51.65
C LYS D 153 8.10 3.15 -50.16
N LEU D 154 7.80 2.17 -49.30
CA LEU D 154 8.13 2.22 -47.87
C LEU D 154 8.75 0.91 -47.41
N ALA D 155 9.57 0.97 -46.36
CA ALA D 155 10.05 -0.22 -45.66
C ALA D 155 8.89 -1.00 -45.05
N PRO D 156 9.07 -2.32 -44.82
CA PRO D 156 7.94 -3.10 -44.29
C PRO D 156 7.63 -2.75 -42.84
N ILE D 157 6.60 -1.92 -42.64
CA ILE D 157 6.06 -1.61 -41.31
C ILE D 157 4.58 -1.92 -41.34
N ASP D 158 3.99 -2.05 -40.16
CA ASP D 158 2.56 -2.20 -40.07
C ASP D 158 1.93 -0.80 -40.18
N PRO D 159 0.99 -0.61 -41.12
CA PRO D 159 0.29 0.66 -41.28
C PRO D 159 -0.39 1.20 -40.01
N GLN D 160 -1.11 0.35 -39.27
CA GLN D 160 -1.84 0.80 -38.07
C GLN D 160 -0.87 1.33 -37.02
N HIS D 161 0.19 0.57 -36.75
CA HIS D 161 1.18 1.03 -35.79
C HIS D 161 1.90 2.31 -36.21
N LEU D 162 2.16 2.46 -37.51
CA LEU D 162 2.72 3.70 -38.02
C LEU D 162 1.80 4.88 -37.70
N ILE D 163 0.52 4.72 -38.01
CA ILE D 163 -0.49 5.73 -37.73
C ILE D 163 -0.52 6.09 -36.26
N PHE D 164 -0.56 5.08 -35.39
CA PHE D 164 -0.61 5.33 -33.96
C PHE D 164 0.63 6.07 -33.49
N MET D 165 1.79 5.80 -34.10
CA MET D 165 2.99 6.49 -33.70
C MET D 165 2.95 7.97 -34.07
N ILE D 166 2.38 8.27 -35.24
CA ILE D 166 2.22 9.66 -35.66
C ILE D 166 1.31 10.38 -34.66
N TRP D 167 0.16 9.78 -34.36
CA TRP D 167 -0.76 10.32 -33.37
C TRP D 167 -0.12 10.53 -32.01
N ALA D 168 0.52 9.49 -31.48
CA ALA D 168 1.06 9.54 -30.14
C ALA D 168 2.19 10.54 -30.01
N SER D 169 3.12 10.54 -30.97
CA SER D 169 4.30 11.40 -30.91
C SER D 169 3.94 12.87 -31.05
N THR D 170 2.98 13.19 -31.92
CA THR D 170 2.57 14.57 -32.14
C THR D 170 1.66 15.10 -31.03
N GLN D 171 0.71 14.29 -30.58
CA GLN D 171 -0.21 14.70 -29.48
C GLN D 171 0.47 14.84 -28.11
N HIS D 172 1.60 14.16 -27.93
CA HIS D 172 2.38 14.25 -26.70
C HIS D 172 2.72 15.70 -26.35
N TYR D 173 3.06 16.50 -27.34
CA TYR D 173 3.54 17.85 -27.08
C TYR D 173 2.42 18.78 -26.56
N ALA D 174 1.16 18.43 -26.80
CA ALA D 174 0.03 19.08 -26.12
C ALA D 174 -0.32 18.42 -24.76
N ASP D 175 -0.62 17.11 -24.82
CA ASP D 175 -1.13 16.35 -23.67
C ASP D 175 -0.11 16.32 -22.50
N PHE D 176 1.18 16.29 -22.83
CA PHE D 176 2.27 16.25 -21.85
C PHE D 176 3.12 17.53 -21.85
N ALA D 177 2.53 18.64 -22.32
CA ALA D 177 3.22 19.96 -22.36
C ALA D 177 3.87 20.39 -21.07
N PRO D 178 3.22 20.15 -19.90
CA PRO D 178 3.91 20.54 -18.66
C PRO D 178 5.23 19.81 -18.44
N GLN D 179 5.29 18.54 -18.81
CA GLN D 179 6.50 17.73 -18.69
C GLN D 179 7.54 18.17 -19.71
N VAL D 180 7.10 18.37 -20.94
CA VAL D 180 7.97 18.87 -21.98
C VAL D 180 8.60 20.21 -21.54
N GLU D 181 7.77 21.12 -21.03
CA GLU D 181 8.26 22.41 -20.54
C GLU D 181 9.21 22.26 -19.35
N ALA D 182 8.90 21.39 -18.39
CA ALA D 182 9.79 21.14 -17.24
C ALA D 182 11.17 20.65 -17.67
N VAL D 183 11.22 19.75 -18.64
CA VAL D 183 12.45 19.17 -19.12
C VAL D 183 13.21 20.11 -20.05
N THR D 184 12.54 20.70 -21.03
CA THR D 184 13.20 21.49 -22.08
C THR D 184 13.25 22.98 -21.81
N GLY D 185 12.33 23.47 -20.99
CA GLY D 185 12.14 24.92 -20.81
C GLY D 185 11.20 25.57 -21.82
N ALA D 186 10.68 24.79 -22.77
CA ALA D 186 9.99 25.33 -23.93
C ALA D 186 8.57 24.80 -24.13
N THR D 187 7.87 25.46 -25.05
CA THR D 187 6.56 25.02 -25.52
C THR D 187 6.52 25.20 -27.04
N LEU D 188 5.46 24.69 -27.64
CA LEU D 188 5.28 24.79 -29.07
C LEU D 188 5.00 26.21 -29.54
N ARG D 189 4.66 27.13 -28.64
CA ARG D 189 4.57 28.56 -28.98
C ARG D 189 5.92 29.21 -29.25
N ASP D 190 6.99 28.61 -28.74
CA ASP D 190 8.35 29.02 -29.07
C ASP D 190 8.68 28.53 -30.48
N GLU D 191 8.94 29.45 -31.41
CA GLU D 191 9.05 29.11 -32.85
C GLU D 191 10.20 28.17 -33.17
N VAL D 192 11.32 28.38 -32.50
CA VAL D 192 12.52 27.55 -32.66
C VAL D 192 12.26 26.12 -32.17
N PHE D 193 11.67 26.00 -30.98
CA PHE D 193 11.35 24.70 -30.42
C PHE D 193 10.35 23.94 -31.31
N PHE D 194 9.32 24.65 -31.77
CA PHE D 194 8.34 24.09 -32.71
C PHE D 194 9.06 23.49 -33.91
N ASN D 195 9.95 24.27 -34.52
CA ASN D 195 10.72 23.87 -35.72
C ASN D 195 11.62 22.63 -35.46
N GLN D 196 12.34 22.64 -34.33
CA GLN D 196 13.15 21.48 -33.91
C GLN D 196 12.29 20.23 -33.69
N THR D 197 11.13 20.41 -33.06
CA THR D 197 10.21 19.31 -32.79
C THR D 197 9.76 18.68 -34.10
N VAL D 198 9.29 19.51 -35.03
CA VAL D 198 8.86 19.02 -36.34
C VAL D 198 10.01 18.26 -37.04
N GLU D 199 11.22 18.85 -37.06
CA GLU D 199 12.34 18.23 -37.79
C GLU D 199 12.72 16.87 -37.19
N ASN D 200 12.75 16.77 -35.87
CA ASN D 200 13.13 15.51 -35.23
C ASN D 200 12.09 14.41 -35.30
N VAL D 201 10.83 14.76 -35.15
CA VAL D 201 9.77 13.75 -35.22
C VAL D 201 9.72 13.21 -36.63
N GLN D 202 9.84 14.10 -37.60
CA GLN D 202 9.94 13.69 -38.99
C GLN D 202 11.17 12.84 -39.24
N ARG D 203 12.32 13.28 -38.75
CA ARG D 203 13.56 12.55 -38.97
C ARG D 203 13.45 11.11 -38.50
N ILE D 204 12.94 10.89 -37.28
CA ILE D 204 12.84 9.55 -36.74
C ILE D 204 11.84 8.71 -37.53
N ILE D 205 10.61 9.21 -37.71
CA ILE D 205 9.58 8.39 -38.35
C ILE D 205 9.90 8.15 -39.84
N ILE D 206 10.35 9.19 -40.54
CA ILE D 206 10.63 9.10 -41.96
C ILE D 206 11.81 8.21 -42.24
N GLU D 207 12.91 8.37 -41.48
CA GLU D 207 14.06 7.49 -41.67
C GLU D 207 13.73 6.05 -41.26
N GLY D 208 12.85 5.90 -40.27
CA GLY D 208 12.35 4.59 -39.87
C GLY D 208 11.51 3.88 -40.91
N ILE D 209 10.82 4.63 -41.79
CA ILE D 209 10.01 4.02 -42.87
C ILE D 209 10.58 4.15 -44.30
N ARG D 210 11.69 4.87 -44.47
CA ARG D 210 12.29 5.01 -45.79
C ARG D 210 12.71 3.66 -46.31
N PRO D 211 12.40 3.33 -47.58
CA PRO D 211 12.89 2.04 -48.12
C PRO D 211 14.43 2.03 -48.28
N ARG D 212 15.05 0.90 -47.94
CA ARG D 212 16.50 0.71 -48.08
C ARG D 212 16.77 -0.41 -49.08
N3 DUC E . -5.42 -17.99 25.14
C2 DUC E . -5.36 -17.49 23.85
O2 DUC E . -4.72 -16.47 23.63
N1 DUC E . -5.87 -18.21 22.82
C6 DUC E . -6.41 -19.54 23.07
C5 DUC E . -7.09 -19.61 24.43
C4 DUC E . -6.23 -19.11 25.42
O4 DUC E . -6.27 -19.55 26.55
N3 DUC F . 3.70 -1.56 26.71
C2 DUC F . 4.82 -2.34 26.84
O2 DUC F . 4.76 -3.56 26.68
N1 DUC F . 6.03 -1.75 27.13
C6 DUC F . 6.05 -0.43 27.78
C5 DUC F . 4.91 0.48 27.23
C4 DUC F . 3.70 -0.24 27.17
O4 DUC F . 2.62 0.33 27.35
N3 DUC G . 7.00 8.69 -19.31
C2 DUC G . 8.19 8.12 -18.89
O2 DUC G . 8.42 6.94 -19.15
N1 DUC G . 8.97 8.79 -18.04
C6 DUC G . 8.42 9.82 -17.22
C5 DUC G . 7.53 10.74 -18.04
C4 DUC G . 6.61 9.97 -18.80
O4 DUC G . 5.53 10.46 -19.15
N3 DUC H . -5.43 11.04 -32.98
C2 DUC H . -5.78 11.55 -34.23
O2 DUC H . -4.95 12.19 -34.88
N1 DUC H . -6.96 11.17 -34.80
C6 DUC H . -7.77 10.14 -34.18
C5 DUC H . -7.72 10.26 -32.66
C4 DUC H . -6.38 10.33 -32.22
O4 DUC H . -6.05 9.87 -31.13
#